data_4K1K
#
_entry.id   4K1K
#
_cell.length_a   114.912
_cell.length_b   139.358
_cell.length_c   140.240
_cell.angle_alpha   90.00
_cell.angle_beta   90.00
_cell.angle_gamma   90.00
#
_symmetry.space_group_name_H-M   'C 2 2 21'
#
loop_
_entity.id
_entity.type
_entity.pdbx_description
1 polymer Neuraminidase
2 branched 2-acetamido-2-deoxy-beta-D-glucopyranose-(1-4)-2-acetamido-2-deoxy-beta-D-glucopyranose
3 branched alpha-D-mannopyranose-(1-2)-alpha-D-mannopyranose-(1-3)-beta-D-mannopyranose-(1-4)-2-acetamido-2-deoxy-beta-D-glucopyranose-(1-4)-2-acetamido-2-deoxy-beta-D-glucopyranose
4 branched alpha-D-mannopyranose-(1-2)-alpha-D-mannopyranose-(1-2)-alpha-D-mannopyranose-(1-3)-beta-D-mannopyranose-(1-4)-2-acetamido-2-deoxy-beta-D-glucopyranose-(1-4)-2-acetamido-2-deoxy-beta-D-glucopyranose
5 non-polymer 'CALCIUM ION'
6 non-polymer '(3R,4R,5S)-4-(acetylamino)-5-amino-3-(pentan-3-yloxy)cyclohex-1-ene-1-carboxylic acid'
7 water water
#
_entity_poly.entity_id   1
_entity_poly.type   'polypeptide(L)'
_entity_poly.pdbx_seq_one_letter_code
;VEYRNWSKPQCQITGFAPFSKDNSIRLSAGGDIWVTREPYVSCDPGKCYQFALGQGTTLDNKHSNDTVHDRIPHRTLLMN
ELGVPFHLGTRQVCIAWSSSSCHDGKAWLHVCITGDDKNATASFIYDGRLVDSIGSWSQNILRTQESECVCINGTCTVVM
TDGSASGRADTRILFIEEGKIVHISPLSGSAQHIEECSCYPRYPGVRCICRDNWKGSNRPVVDINMEDYSIDSSYVCSGL
VGDTPRNDDSSSNSNCRNPNNERGTQGVKGWAFDNGNDLWMGRTISKESRSGYETFKVIGGWSTPNSKSQVNRQVIVDNN
NWSGYSGIFSVEGKSCINRCFYVELIRGRPQETRVWWTSNSIVVFCGTSGTYGTGSWPDGANINFMPI
;
_entity_poly.pdbx_strand_id   A,B
#
# COMPACT_ATOMS: atom_id res chain seq x y z
N VAL A 1 -12.46 -19.15 -12.36
CA VAL A 1 -12.31 -17.91 -13.17
C VAL A 1 -11.18 -18.03 -14.19
N GLU A 2 -11.43 -17.53 -15.39
CA GLU A 2 -10.46 -17.62 -16.49
C GLU A 2 -9.79 -16.27 -16.73
N TYR A 3 -8.61 -16.29 -17.36
CA TYR A 3 -7.93 -15.05 -17.71
C TYR A 3 -8.69 -14.30 -18.80
N ARG A 4 -8.68 -12.96 -18.68
CA ARG A 4 -9.20 -12.09 -19.72
C ARG A 4 -8.33 -12.15 -20.97
N ASN A 5 -8.97 -12.23 -22.13
CA ASN A 5 -8.25 -12.15 -23.39
C ASN A 5 -8.58 -10.88 -24.17
N TRP A 6 -9.75 -10.29 -23.87
CA TRP A 6 -10.26 -9.12 -24.58
C TRP A 6 -10.40 -9.38 -26.09
N SER A 7 -10.69 -10.63 -26.44
CA SER A 7 -10.73 -11.03 -27.85
C SER A 7 -12.14 -10.90 -28.44
N LYS A 8 -12.69 -9.69 -28.32
CA LYS A 8 -13.93 -9.32 -28.96
C LYS A 8 -13.67 -8.05 -29.75
N PRO A 9 -14.47 -7.77 -30.81
CA PRO A 9 -14.27 -6.54 -31.55
C PRO A 9 -14.59 -5.32 -30.69
N GLN A 10 -14.04 -4.16 -31.03
CA GLN A 10 -14.36 -2.92 -30.35
C GLN A 10 -15.80 -2.51 -30.65
N CYS A 11 -16.54 -2.07 -29.63
CA CYS A 11 -17.91 -1.61 -29.83
C CYS A 11 -17.92 -0.42 -30.79
N GLN A 12 -18.87 -0.40 -31.71
CA GLN A 12 -18.97 0.71 -32.66
C GLN A 12 -19.80 1.83 -32.04
N ILE A 13 -19.12 2.88 -31.59
CA ILE A 13 -19.77 3.92 -30.82
C ILE A 13 -20.14 5.16 -31.62
N THR A 14 -21.16 5.88 -31.13
CA THR A 14 -21.65 7.11 -31.73
C THR A 14 -21.24 8.31 -30.88
N GLY A 15 -20.63 8.02 -29.73
CA GLY A 15 -20.27 9.03 -28.74
C GLY A 15 -20.30 8.39 -27.38
N PHE A 16 -20.48 9.21 -26.34
CA PHE A 16 -20.40 8.74 -24.97
C PHE A 16 -21.61 9.17 -24.13
N ALA A 17 -22.00 8.29 -23.23
CA ALA A 17 -23.11 8.56 -22.30
C ALA A 17 -22.59 8.67 -20.85
N PRO A 18 -23.26 9.49 -20.03
CA PRO A 18 -22.84 9.66 -18.63
C PRO A 18 -22.91 8.35 -17.85
N PHE A 19 -21.88 8.08 -17.05
CA PHE A 19 -21.78 6.82 -16.33
C PHE A 19 -21.68 7.00 -14.80
N SER A 20 -20.84 7.93 -14.35
CA SER A 20 -20.61 8.10 -12.91
C SER A 20 -20.05 9.47 -12.58
N LYS A 21 -20.30 9.93 -11.35
CA LYS A 21 -19.76 11.19 -10.85
C LYS A 21 -19.66 11.04 -9.34
N ASP A 22 -18.55 11.46 -8.74
CA ASP A 22 -18.46 11.19 -7.31
C ASP A 22 -18.69 12.38 -6.37
N ASN A 23 -18.66 13.61 -6.89
CA ASN A 23 -18.98 14.81 -6.09
C ASN A 23 -18.09 14.99 -4.84
N SER A 24 -16.84 14.53 -4.96
CA SER A 24 -15.91 14.45 -3.85
CA SER A 24 -15.91 14.46 -3.84
CA SER A 24 -15.93 14.44 -3.83
C SER A 24 -15.71 15.78 -3.12
N ILE A 25 -15.50 16.84 -3.89
CA ILE A 25 -15.19 18.15 -3.29
C ILE A 25 -16.41 18.77 -2.61
N ARG A 26 -17.56 18.70 -3.26
CA ARG A 26 -18.81 19.13 -2.63
C ARG A 26 -19.05 18.42 -1.29
N LEU A 27 -18.81 17.11 -1.27
CA LEU A 27 -18.99 16.34 -0.05
C LEU A 27 -17.97 16.69 1.04
N SER A 28 -16.75 17.03 0.61
CA SER A 28 -15.64 17.39 1.51
C SER A 28 -15.94 18.58 2.41
N ALA A 29 -16.90 19.41 2.00
CA ALA A 29 -17.32 20.57 2.79
C ALA A 29 -18.30 20.18 3.90
N GLY A 30 -18.69 18.91 3.94
CA GLY A 30 -19.65 18.42 4.93
C GLY A 30 -19.47 16.94 5.17
N GLY A 31 -18.24 16.55 5.43
CA GLY A 31 -17.91 15.16 5.67
C GLY A 31 -16.42 14.94 5.55
N ASP A 32 -15.95 13.79 6.02
CA ASP A 32 -14.54 13.48 6.04
C ASP A 32 -14.19 12.72 4.78
N ILE A 33 -13.54 13.41 3.85
CA ILE A 33 -13.24 12.88 2.53
C ILE A 33 -11.76 13.06 2.25
N TRP A 34 -11.13 12.03 1.69
CA TRP A 34 -9.72 12.05 1.35
C TRP A 34 -9.36 13.14 0.34
N VAL A 35 -8.19 13.76 0.57
CA VAL A 35 -7.54 14.60 -0.43
C VAL A 35 -6.84 13.67 -1.41
N THR A 36 -7.10 13.88 -2.70
CA THR A 36 -6.59 13.01 -3.77
C THR A 36 -6.11 13.80 -4.99
N ARG A 37 -5.36 13.12 -5.85
CA ARG A 37 -5.19 13.51 -7.25
C ARG A 37 -4.86 12.25 -8.04
N GLU A 38 -4.70 12.40 -9.35
CA GLU A 38 -4.36 11.29 -10.24
C GLU A 38 -5.33 10.10 -10.11
N PRO A 39 -6.64 10.35 -10.29
CA PRO A 39 -7.59 9.26 -10.17
C PRO A 39 -7.63 8.43 -11.45
N TYR A 40 -8.19 7.22 -11.37
CA TYR A 40 -8.51 6.46 -12.56
C TYR A 40 -9.58 5.42 -12.25
N VAL A 41 -10.03 4.73 -13.30
CA VAL A 41 -11.07 3.73 -13.17
C VAL A 41 -10.58 2.43 -13.81
N SER A 42 -10.90 1.31 -13.18
CA SER A 42 -10.61 -0.01 -13.74
C SER A 42 -11.69 -0.95 -13.24
N CYS A 43 -12.08 -1.91 -14.07
CA CYS A 43 -13.16 -2.81 -13.67
C CYS A 43 -12.67 -4.25 -13.63
N ASP A 44 -13.15 -5.00 -12.64
CA ASP A 44 -13.03 -6.47 -12.67
C ASP A 44 -14.12 -6.99 -13.61
N PRO A 45 -14.19 -8.31 -13.84
CA PRO A 45 -15.19 -8.77 -14.82
C PRO A 45 -16.66 -8.46 -14.46
N GLY A 46 -16.93 -8.08 -13.21
CA GLY A 46 -18.30 -7.79 -12.77
C GLY A 46 -18.63 -6.33 -12.55
N LYS A 47 -17.70 -5.59 -11.94
CA LYS A 47 -17.97 -4.20 -11.55
C LYS A 47 -16.73 -3.30 -11.61
N CYS A 48 -17.00 -2.00 -11.66
CA CYS A 48 -15.96 -0.99 -11.79
C CYS A 48 -15.53 -0.41 -10.46
N TYR A 49 -14.27 0.00 -10.40
CA TYR A 49 -13.68 0.60 -9.22
C TYR A 49 -13.04 1.93 -9.56
N GLN A 50 -13.13 2.87 -8.62
CA GLN A 50 -12.37 4.10 -8.76
C GLN A 50 -11.13 4.07 -7.87
N PHE A 51 -10.04 4.58 -8.41
CA PHE A 51 -8.74 4.66 -7.74
C PHE A 51 -8.30 6.11 -7.70
N ALA A 52 -7.48 6.46 -6.71
CA ALA A 52 -6.79 7.76 -6.70
C ALA A 52 -5.60 7.70 -5.77
N LEU A 53 -4.69 8.66 -5.92
CA LEU A 53 -3.58 8.76 -5.00
C LEU A 53 -3.95 9.71 -3.86
N GLY A 54 -4.07 9.17 -2.65
CA GLY A 54 -4.36 9.96 -1.46
C GLY A 54 -3.18 10.83 -1.13
N GLN A 55 -3.41 11.84 -0.31
CA GLN A 55 -2.33 12.66 0.23
C GLN A 55 -2.18 12.44 1.74
N GLY A 56 -2.60 11.26 2.22
CA GLY A 56 -2.48 10.89 3.62
C GLY A 56 -3.29 11.76 4.56
N THR A 57 -4.37 12.34 4.05
CA THR A 57 -5.18 13.27 4.84
C THR A 57 -6.56 13.45 4.23
N THR A 58 -7.51 13.85 5.07
CA THR A 58 -8.80 14.31 4.57
C THR A 58 -8.70 15.80 4.26
N LEU A 59 -9.74 16.35 3.62
CA LEU A 59 -9.70 17.75 3.17
C LEU A 59 -9.90 18.73 4.32
N ASP A 60 -10.92 18.49 5.14
CA ASP A 60 -11.20 19.31 6.32
C ASP A 60 -10.31 18.83 7.47
N ASN A 61 -9.05 19.24 7.41
CA ASN A 61 -7.95 18.66 8.19
C ASN A 61 -6.78 19.58 7.89
N LYS A 62 -6.10 20.03 8.93
CA LYS A 62 -4.97 20.95 8.76
C LYS A 62 -3.84 20.36 7.90
N HIS A 63 -3.74 19.03 7.86
CA HIS A 63 -2.73 18.35 7.03
C HIS A 63 -2.99 18.48 5.53
N SER A 64 -4.15 19.00 5.15
CA SER A 64 -4.48 19.18 3.73
C SER A 64 -3.53 20.15 3.02
N ASN A 65 -2.81 20.97 3.79
CA ASN A 65 -1.82 21.86 3.17
C ASN A 65 -0.53 21.16 2.72
N ASP A 66 -0.45 19.85 2.96
CA ASP A 66 0.68 19.03 2.54
C ASP A 66 0.81 18.86 1.02
N THR A 67 -0.26 19.16 0.29
CA THR A 67 -0.28 18.97 -1.17
C THR A 67 0.69 19.91 -1.90
N VAL A 68 1.25 20.89 -1.19
CA VAL A 68 2.28 21.75 -1.75
C VAL A 68 3.58 20.96 -2.03
N HIS A 69 3.80 19.90 -1.27
CA HIS A 69 4.97 19.05 -1.43
C HIS A 69 4.68 17.96 -2.43
N ASP A 70 5.68 17.60 -3.24
CA ASP A 70 5.55 16.56 -4.24
C ASP A 70 5.95 15.23 -3.66
N ARG A 71 5.18 14.20 -4.03
CA ARG A 71 5.56 12.81 -3.79
C ARG A 71 5.89 12.49 -2.31
N ILE A 72 5.01 12.90 -1.41
CA ILE A 72 5.23 12.64 0.02
C ILE A 72 5.09 11.13 0.29
N PRO A 73 5.79 10.63 1.33
CA PRO A 73 5.73 9.19 1.63
C PRO A 73 4.36 8.72 2.12
N HIS A 74 3.46 9.68 2.38
CA HIS A 74 2.15 9.36 2.93
C HIS A 74 1.10 9.12 1.87
N ARG A 75 1.47 9.35 0.62
CA ARG A 75 0.58 9.05 -0.52
C ARG A 75 0.38 7.54 -0.64
N THR A 76 -0.88 7.16 -0.74
CA THR A 76 -1.28 5.77 -0.84
C THR A 76 -2.35 5.65 -1.92
N LEU A 77 -2.42 4.47 -2.54
CA LEU A 77 -3.43 4.20 -3.56
C LEU A 77 -4.73 3.83 -2.90
N LEU A 78 -5.78 4.57 -3.24
CA LEU A 78 -7.12 4.37 -2.69
C LEU A 78 -7.95 3.60 -3.70
N MET A 79 -8.81 2.71 -3.21
CA MET A 79 -9.65 1.90 -4.10
C MET A 79 -11.03 1.70 -3.50
N ASN A 80 -12.06 2.15 -4.22
CA ASN A 80 -13.46 1.98 -3.83
C ASN A 80 -14.22 1.51 -5.05
N GLU A 81 -15.40 0.90 -4.84
CA GLU A 81 -16.34 0.70 -5.93
C GLU A 81 -16.66 2.05 -6.56
N LEU A 82 -16.80 2.07 -7.89
CA LEU A 82 -17.05 3.32 -8.61
C LEU A 82 -18.32 3.98 -8.09
N GLY A 83 -18.20 5.26 -7.73
CA GLY A 83 -19.34 6.00 -7.21
C GLY A 83 -19.38 6.08 -5.69
N VAL A 84 -18.54 5.31 -5.01
CA VAL A 84 -18.39 5.45 -3.57
C VAL A 84 -17.30 6.49 -3.33
N PRO A 85 -17.66 7.65 -2.73
CA PRO A 85 -16.60 8.63 -2.53
C PRO A 85 -15.54 8.12 -1.56
N PHE A 86 -14.37 8.75 -1.59
CA PHE A 86 -13.26 8.33 -0.73
C PHE A 86 -13.46 8.79 0.71
N HIS A 87 -14.34 8.08 1.41
CA HIS A 87 -14.61 8.32 2.83
C HIS A 87 -13.57 7.59 3.69
N LEU A 88 -13.71 7.68 5.01
CA LEU A 88 -12.68 7.15 5.91
C LEU A 88 -12.59 5.62 5.96
N GLY A 89 -13.58 4.94 5.40
CA GLY A 89 -13.59 3.49 5.32
C GLY A 89 -12.91 2.96 4.07
N THR A 90 -12.37 3.86 3.25
CA THR A 90 -11.68 3.50 2.01
C THR A 90 -10.40 2.73 2.29
N ARG A 91 -10.16 1.66 1.53
CA ARG A 91 -8.94 0.90 1.70
C ARG A 91 -7.77 1.53 0.95
N GLN A 92 -6.66 1.69 1.66
CA GLN A 92 -5.40 2.10 1.06
C GLN A 92 -4.69 0.83 0.63
N VAL A 93 -4.60 0.64 -0.68
CA VAL A 93 -4.15 -0.62 -1.27
C VAL A 93 -2.64 -0.82 -1.17
N CYS A 94 -1.89 0.28 -1.24
CA CYS A 94 -0.43 0.22 -1.17
C CYS A 94 0.10 1.63 -0.96
N ILE A 95 1.41 1.74 -0.75
CA ILE A 95 2.06 3.06 -0.67
C ILE A 95 2.44 3.46 -2.08
N ALA A 96 1.98 4.63 -2.52
CA ALA A 96 2.21 5.04 -3.90
C ALA A 96 2.04 6.53 -4.13
N TRP A 97 3.03 7.14 -4.78
CA TRP A 97 2.83 8.47 -5.38
C TRP A 97 2.76 8.44 -6.90
N SER A 98 2.77 7.22 -7.45
CA SER A 98 2.48 6.95 -8.85
C SER A 98 1.99 5.51 -8.87
N SER A 99 0.99 5.22 -9.70
CA SER A 99 0.41 3.87 -9.71
C SER A 99 -0.25 3.49 -11.02
N SER A 100 -0.52 2.19 -11.13
CA SER A 100 -1.36 1.62 -12.18
C SER A 100 -1.97 0.36 -11.59
N SER A 101 -3.20 0.02 -11.99
CA SER A 101 -3.88 -1.18 -11.51
C SER A 101 -4.64 -1.86 -12.65
N CYS A 102 -4.77 -3.17 -12.57
CA CYS A 102 -5.59 -3.90 -13.54
C CYS A 102 -5.93 -5.28 -13.02
N HIS A 103 -7.01 -5.82 -13.55
CA HIS A 103 -7.51 -7.14 -13.18
C HIS A 103 -7.31 -8.07 -14.38
N ASP A 104 -6.69 -9.22 -14.17
CA ASP A 104 -6.38 -10.13 -15.29
C ASP A 104 -7.48 -11.16 -15.54
N GLY A 105 -8.59 -11.02 -14.84
CA GLY A 105 -9.69 -11.98 -14.92
C GLY A 105 -9.76 -12.85 -13.68
N LYS A 106 -8.62 -13.02 -13.01
CA LYS A 106 -8.54 -13.82 -11.78
C LYS A 106 -8.28 -12.97 -10.53
N ALA A 107 -7.43 -11.96 -10.66
CA ALA A 107 -7.02 -11.13 -9.53
C ALA A 107 -6.52 -9.74 -9.93
N TRP A 108 -6.46 -8.85 -8.96
CA TRP A 108 -5.94 -7.50 -9.16
C TRP A 108 -4.42 -7.46 -9.07
N LEU A 109 -3.82 -6.74 -10.02
CA LEU A 109 -2.43 -6.33 -9.94
C LEU A 109 -2.42 -4.84 -9.63
N HIS A 110 -1.59 -4.45 -8.67
CA HIS A 110 -1.32 -3.04 -8.44
C HIS A 110 0.17 -2.79 -8.57
N VAL A 111 0.51 -1.70 -9.25
CA VAL A 111 1.89 -1.27 -9.42
C VAL A 111 2.00 0.03 -8.66
N CYS A 112 2.83 0.03 -7.62
CA CYS A 112 2.85 1.13 -6.65
C CYS A 112 4.25 1.64 -6.48
N ILE A 113 4.46 2.91 -6.77
CA ILE A 113 5.80 3.50 -6.72
C ILE A 113 5.86 4.53 -5.59
N THR A 114 6.87 4.40 -4.76
CA THR A 114 7.08 5.33 -3.65
C THR A 114 8.57 5.45 -3.32
N GLY A 115 8.88 6.32 -2.36
CA GLY A 115 10.27 6.54 -1.95
C GLY A 115 10.90 7.79 -2.52
N ASP A 116 12.22 7.88 -2.39
CA ASP A 116 13.00 9.04 -2.80
C ASP A 116 12.98 9.28 -4.30
N ASP A 117 12.97 10.55 -4.70
CA ASP A 117 12.96 10.93 -6.12
C ASP A 117 14.07 10.25 -6.92
N LYS A 118 15.27 10.21 -6.35
CA LYS A 118 16.44 9.69 -7.05
C LYS A 118 16.63 8.18 -6.88
N ASN A 119 15.74 7.55 -6.11
CA ASN A 119 15.92 6.13 -5.80
C ASN A 119 14.60 5.50 -5.37
N ALA A 120 13.59 5.58 -6.24
CA ALA A 120 12.25 5.09 -5.91
C ALA A 120 12.13 3.57 -6.02
N THR A 121 11.05 3.02 -5.45
CA THR A 121 10.78 1.58 -5.51
C THR A 121 9.39 1.38 -6.12
N ALA A 122 9.31 0.50 -7.12
CA ALA A 122 8.01 0.05 -7.62
C ALA A 122 7.71 -1.30 -6.99
N SER A 123 6.57 -1.41 -6.31
CA SER A 123 6.10 -2.68 -5.75
C SER A 123 5.00 -3.25 -6.64
N PHE A 124 5.03 -4.57 -6.82
CA PHE A 124 4.03 -5.25 -7.64
C PHE A 124 3.25 -6.20 -6.73
N ILE A 125 1.98 -5.86 -6.53
CA ILE A 125 1.11 -6.57 -5.60
C ILE A 125 0.04 -7.26 -6.42
N TYR A 126 -0.04 -8.59 -6.29
CA TYR A 126 -0.99 -9.37 -7.04
C TYR A 126 -1.75 -10.31 -6.13
N ASP A 127 -3.06 -10.31 -6.25
CA ASP A 127 -3.92 -11.19 -5.45
C ASP A 127 -3.63 -11.00 -3.96
N GLY A 128 -3.44 -9.74 -3.58
CA GLY A 128 -3.27 -9.33 -2.19
C GLY A 128 -1.93 -9.63 -1.55
N ARG A 129 -0.90 -9.89 -2.35
CA ARG A 129 0.44 -10.08 -1.80
C ARG A 129 1.52 -9.47 -2.68
N LEU A 130 2.61 -9.04 -2.06
CA LEU A 130 3.75 -8.49 -2.78
C LEU A 130 4.50 -9.61 -3.48
N VAL A 131 4.59 -9.52 -4.81
CA VAL A 131 5.21 -10.57 -5.61
C VAL A 131 6.58 -10.15 -6.16
N ASP A 132 6.76 -8.85 -6.45
CA ASP A 132 7.99 -8.39 -7.05
C ASP A 132 8.21 -6.91 -6.75
N SER A 133 9.42 -6.43 -7.01
CA SER A 133 9.72 -5.02 -6.93
C SER A 133 10.88 -4.69 -7.86
N ILE A 134 10.94 -3.44 -8.29
CA ILE A 134 12.08 -2.97 -9.07
C ILE A 134 12.48 -1.58 -8.59
N GLY A 135 13.79 -1.34 -8.56
CA GLY A 135 14.31 -0.03 -8.24
C GLY A 135 14.45 0.86 -9.47
N SER A 136 14.65 2.15 -9.21
CA SER A 136 14.88 3.17 -10.22
C SER A 136 16.07 2.82 -11.11
N TRP A 137 15.89 2.92 -12.43
CA TRP A 137 16.97 2.65 -13.38
C TRP A 137 17.70 3.91 -13.89
N SER A 138 17.10 5.08 -13.69
CA SER A 138 17.69 6.34 -14.14
C SER A 138 17.81 7.37 -13.01
N GLN A 139 17.44 6.97 -11.80
CA GLN A 139 17.62 7.81 -10.60
C GLN A 139 16.93 9.16 -10.72
N ASN A 140 15.75 9.18 -11.35
CA ASN A 140 15.04 10.43 -11.59
C ASN A 140 13.53 10.23 -11.72
N ILE A 141 12.90 9.97 -10.58
CA ILE A 141 11.44 9.81 -10.45
C ILE A 141 10.89 8.69 -11.33
N LEU A 142 11.21 7.46 -10.95
CA LEU A 142 10.56 6.30 -11.52
C LEU A 142 9.06 6.53 -11.42
N ARG A 143 8.33 6.28 -12.50
CA ARG A 143 6.91 6.65 -12.56
C ARG A 143 6.14 5.86 -13.60
N THR A 144 4.82 5.82 -13.43
CA THR A 144 3.99 4.97 -14.29
C THR A 144 2.70 5.64 -14.78
N GLN A 145 1.71 4.86 -15.18
CA GLN A 145 0.60 5.34 -16.01
C GLN A 145 -0.39 6.32 -15.38
N GLU A 146 -0.68 6.14 -14.08
CA GLU A 146 -1.81 6.80 -13.41
C GLU A 146 -3.17 6.45 -14.05
N SER A 147 -3.22 5.28 -14.70
CA SER A 147 -4.47 4.70 -15.17
C SER A 147 -4.30 3.19 -15.30
N GLU A 148 -5.34 2.51 -15.79
CA GLU A 148 -5.32 1.05 -15.76
C GLU A 148 -4.27 0.43 -16.66
N CYS A 149 -3.65 -0.64 -16.18
CA CYS A 149 -2.79 -1.46 -17.02
C CYS A 149 -3.70 -2.42 -17.79
N VAL A 150 -3.12 -3.24 -18.65
CA VAL A 150 -3.92 -4.13 -19.49
C VAL A 150 -3.33 -5.53 -19.45
N CYS A 151 -4.20 -6.53 -19.28
CA CYS A 151 -3.77 -7.94 -19.23
C CYS A 151 -4.43 -8.75 -20.33
N ILE A 152 -3.64 -9.56 -21.03
CA ILE A 152 -4.15 -10.51 -22.01
C ILE A 152 -3.59 -11.89 -21.71
N ASN A 153 -4.48 -12.85 -21.48
CA ASN A 153 -4.11 -14.24 -21.22
C ASN A 153 -3.13 -14.39 -20.05
N GLY A 154 -3.34 -13.58 -19.02
CA GLY A 154 -2.55 -13.68 -17.80
C GLY A 154 -1.23 -12.91 -17.79
N THR A 155 -0.93 -12.22 -18.89
CA THR A 155 0.23 -11.34 -18.94
C THR A 155 -0.27 -9.90 -18.95
N CYS A 156 0.12 -9.15 -17.93
CA CYS A 156 -0.22 -7.73 -17.83
C CYS A 156 0.96 -6.88 -18.28
N THR A 157 0.65 -5.79 -18.97
CA THR A 157 1.70 -4.87 -19.39
C THR A 157 1.51 -3.50 -18.75
N VAL A 158 2.62 -2.86 -18.42
CA VAL A 158 2.58 -1.52 -17.86
C VAL A 158 3.77 -0.72 -18.38
N VAL A 159 3.53 0.55 -18.67
CA VAL A 159 4.56 1.45 -19.18
C VAL A 159 5.12 2.28 -18.04
N MET A 160 6.45 2.32 -17.93
CA MET A 160 7.11 3.05 -16.87
C MET A 160 8.23 3.92 -17.44
N THR A 161 8.47 5.06 -16.80
CA THR A 161 9.49 5.99 -17.23
C THR A 161 10.35 6.41 -16.05
N ASP A 162 11.63 6.65 -16.31
CA ASP A 162 12.56 7.13 -15.31
C ASP A 162 13.49 8.08 -16.05
N GLY A 163 13.73 9.25 -15.48
CA GLY A 163 14.56 10.25 -16.13
C GLY A 163 13.87 11.59 -16.26
N SER A 164 14.43 12.47 -17.08
CA SER A 164 13.96 13.84 -17.21
C SER A 164 12.50 13.98 -17.67
N ALA A 165 11.80 14.95 -17.09
CA ALA A 165 10.43 15.28 -17.50
C ALA A 165 10.44 16.34 -18.60
N SER A 166 11.63 16.81 -18.97
CA SER A 166 11.77 17.92 -19.91
C SER A 166 12.90 17.65 -20.93
N GLY A 167 13.15 16.38 -21.19
CA GLY A 167 14.22 15.96 -22.09
C GLY A 167 14.16 14.45 -22.24
N ARG A 168 15.09 13.88 -22.99
CA ARG A 168 15.09 12.44 -23.23
C ARG A 168 15.12 11.67 -21.91
N ALA A 169 14.23 10.69 -21.80
CA ALA A 169 14.11 9.85 -20.62
C ALA A 169 14.24 8.38 -21.00
N ASP A 170 14.15 7.51 -20.00
CA ASP A 170 14.32 6.07 -20.19
C ASP A 170 12.99 5.38 -19.91
N THR A 171 12.24 5.10 -20.97
CA THR A 171 10.93 4.47 -20.87
C THR A 171 11.04 2.98 -21.15
N ARG A 172 10.41 2.18 -20.30
CA ARG A 172 10.43 0.73 -20.42
C ARG A 172 9.03 0.17 -20.26
N ILE A 173 8.79 -0.94 -20.96
CA ILE A 173 7.50 -1.60 -20.91
C ILE A 173 7.72 -2.92 -20.18
N LEU A 174 6.97 -3.13 -19.11
CA LEU A 174 7.10 -4.33 -18.28
C LEU A 174 6.00 -5.31 -18.60
N PHE A 175 6.35 -6.59 -18.54
CA PHE A 175 5.39 -7.68 -18.75
C PHE A 175 5.37 -8.50 -17.48
N ILE A 176 4.17 -8.67 -16.93
CA ILE A 176 4.00 -9.16 -15.57
C ILE A 176 3.00 -10.31 -15.53
N GLU A 177 3.43 -11.44 -14.98
CA GLU A 177 2.56 -12.61 -14.86
C GLU A 177 2.34 -12.95 -13.39
N GLU A 178 1.09 -12.85 -12.96
CA GLU A 178 0.73 -13.04 -11.55
C GLU A 178 1.63 -12.25 -10.60
N GLY A 179 1.92 -11.00 -10.97
CA GLY A 179 2.73 -10.12 -10.14
C GLY A 179 4.23 -10.21 -10.33
N LYS A 180 4.68 -11.19 -11.11
CA LYS A 180 6.11 -11.39 -11.36
C LYS A 180 6.51 -10.77 -12.69
N ILE A 181 7.55 -9.93 -12.67
CA ILE A 181 8.10 -9.37 -13.90
C ILE A 181 8.78 -10.48 -14.70
N VAL A 182 8.28 -10.74 -15.91
CA VAL A 182 8.85 -11.82 -16.73
C VAL A 182 9.70 -11.29 -17.89
N HIS A 183 9.50 -10.03 -18.24
CA HIS A 183 10.25 -9.40 -19.34
C HIS A 183 10.14 -7.88 -19.26
N ILE A 184 11.22 -7.20 -19.65
CA ILE A 184 11.22 -5.74 -19.75
C ILE A 184 11.77 -5.35 -21.12
N SER A 185 10.97 -4.59 -21.87
CA SER A 185 11.37 -4.13 -23.19
C SER A 185 11.59 -2.63 -23.15
N PRO A 186 12.71 -2.16 -23.72
CA PRO A 186 12.89 -0.72 -23.85
C PRO A 186 11.91 -0.15 -24.87
N LEU A 187 11.54 1.12 -24.72
CA LEU A 187 10.78 1.80 -25.75
C LEU A 187 11.55 1.78 -27.07
N SER A 188 10.82 1.57 -28.16
CA SER A 188 11.37 1.61 -29.52
C SER A 188 10.42 2.39 -30.42
N GLY A 189 10.92 2.85 -31.56
CA GLY A 189 10.09 3.64 -32.49
C GLY A 189 10.42 5.11 -32.43
N SER A 190 9.47 5.95 -32.86
CA SER A 190 9.74 7.38 -33.04
C SER A 190 9.21 8.31 -31.94
N ALA A 191 8.51 7.77 -30.94
CA ALA A 191 8.09 8.62 -29.82
C ALA A 191 9.31 9.05 -29.04
N GLN A 192 9.44 10.36 -28.81
CA GLN A 192 10.65 10.89 -28.20
C GLN A 192 10.52 11.17 -26.72
N HIS A 193 9.29 11.14 -26.21
CA HIS A 193 9.04 11.34 -24.79
C HIS A 193 7.70 10.75 -24.40
N ILE A 194 7.72 9.88 -23.38
CA ILE A 194 6.53 9.14 -22.95
C ILE A 194 6.25 9.33 -21.47
N GLU A 195 5.05 9.80 -21.16
CA GLU A 195 4.58 9.97 -19.79
C GLU A 195 3.14 9.52 -19.71
N GLU A 196 2.78 8.92 -18.58
CA GLU A 196 1.38 8.71 -18.20
C GLU A 196 0.50 8.09 -19.29
N CYS A 197 0.89 6.91 -19.75
CA CYS A 197 0.17 6.26 -20.85
C CYS A 197 -1.24 5.81 -20.47
N SER A 198 -2.18 6.09 -21.36
CA SER A 198 -3.54 5.59 -21.26
C SER A 198 -3.64 4.43 -22.24
N CYS A 199 -3.66 3.22 -21.70
CA CYS A 199 -3.55 2.01 -22.51
C CYS A 199 -4.85 1.27 -22.58
N TYR A 200 -5.03 0.52 -23.67
CA TYR A 200 -6.24 -0.27 -23.87
C TYR A 200 -5.95 -1.54 -24.66
N PRO A 201 -6.71 -2.61 -24.40
CA PRO A 201 -6.52 -3.83 -25.18
C PRO A 201 -7.00 -3.65 -26.62
N ARG A 202 -6.15 -4.04 -27.56
CA ARG A 202 -6.52 -4.07 -28.96
C ARG A 202 -6.04 -5.42 -29.46
N TYR A 203 -6.76 -6.46 -29.08
CA TYR A 203 -6.36 -7.84 -29.34
C TYR A 203 -5.80 -8.02 -30.74
N PRO A 204 -4.63 -8.69 -30.88
CA PRO A 204 -3.87 -9.40 -29.86
C PRO A 204 -2.89 -8.56 -29.03
N GLY A 205 -2.87 -7.25 -29.24
CA GLY A 205 -1.91 -6.39 -28.55
C GLY A 205 -2.53 -5.36 -27.62
N VAL A 206 -1.69 -4.44 -27.17
CA VAL A 206 -2.11 -3.34 -26.31
C VAL A 206 -1.65 -2.05 -26.99
N ARG A 207 -2.51 -1.04 -26.98
CA ARG A 207 -2.20 0.26 -27.54
C ARG A 207 -2.29 1.33 -26.45
N CYS A 208 -1.32 2.24 -26.44
CA CYS A 208 -1.28 3.31 -25.44
C CYS A 208 -1.19 4.67 -26.11
N ILE A 209 -1.94 5.64 -25.60
CA ILE A 209 -1.83 7.02 -26.04
C ILE A 209 -1.36 7.80 -24.82
N CYS A 210 -0.25 8.52 -24.98
CA CYS A 210 0.47 9.03 -23.82
C CYS A 210 0.64 10.56 -23.87
N ARG A 211 1.55 11.06 -23.04
CA ARG A 211 1.83 12.49 -22.90
C ARG A 211 3.30 12.74 -23.19
N ASP A 212 3.56 13.58 -24.18
CA ASP A 212 4.92 14.02 -24.48
C ASP A 212 5.11 15.33 -23.72
N ASN A 213 6.01 15.31 -22.75
CA ASN A 213 6.21 16.45 -21.86
C ASN A 213 7.36 17.34 -22.31
N TRP A 214 7.95 17.00 -23.46
CA TRP A 214 9.20 17.61 -23.89
C TRP A 214 9.04 18.47 -25.15
N LYS A 215 8.74 17.85 -26.29
CA LYS A 215 8.68 18.58 -27.56
C LYS A 215 7.33 18.53 -28.29
N GLY A 216 6.39 17.72 -27.79
CA GLY A 216 5.14 17.49 -28.52
C GLY A 216 3.85 17.89 -27.82
N SER A 217 2.97 18.55 -28.57
CA SER A 217 1.58 18.72 -28.14
C SER A 217 0.68 17.72 -28.85
N ASN A 218 1.25 17.02 -29.83
CA ASN A 218 0.63 15.82 -30.33
C ASN A 218 0.95 14.66 -29.38
N ARG A 219 -0.01 13.76 -29.19
CA ARG A 219 0.16 12.67 -28.24
C ARG A 219 0.92 11.50 -28.85
N PRO A 220 1.92 10.97 -28.12
CA PRO A 220 2.59 9.76 -28.58
C PRO A 220 1.70 8.53 -28.50
N VAL A 221 2.00 7.55 -29.33
CA VAL A 221 1.34 6.25 -29.34
C VAL A 221 2.40 5.21 -29.04
N VAL A 222 2.07 4.25 -28.16
CA VAL A 222 2.96 3.11 -27.92
C VAL A 222 2.17 1.85 -28.24
N ASP A 223 2.73 1.03 -29.14
CA ASP A 223 2.12 -0.24 -29.49
C ASP A 223 2.92 -1.38 -28.87
N ILE A 224 2.23 -2.24 -28.16
CA ILE A 224 2.87 -3.31 -27.40
C ILE A 224 2.45 -4.66 -27.94
N ASN A 225 3.43 -5.42 -28.43
CA ASN A 225 3.19 -6.76 -28.93
C ASN A 225 3.31 -7.77 -27.78
N MET A 226 2.18 -8.36 -27.40
CA MET A 226 2.11 -9.24 -26.24
C MET A 226 2.65 -10.64 -26.54
N GLU A 227 2.83 -10.96 -27.81
CA GLU A 227 3.33 -12.27 -28.22
C GLU A 227 4.85 -12.36 -28.17
N ASP A 228 5.56 -11.34 -28.68
CA ASP A 228 7.02 -11.36 -28.69
C ASP A 228 7.70 -10.22 -27.90
N TYR A 229 6.89 -9.43 -27.19
CA TYR A 229 7.37 -8.32 -26.35
C TYR A 229 7.93 -7.11 -27.12
N SER A 230 7.78 -7.11 -28.44
CA SER A 230 8.31 -6.00 -29.24
C SER A 230 7.48 -4.73 -29.08
N ILE A 231 8.15 -3.59 -29.22
CA ILE A 231 7.54 -2.29 -28.99
C ILE A 231 7.67 -1.42 -30.24
N ASP A 232 6.60 -0.70 -30.54
CA ASP A 232 6.63 0.32 -31.57
C ASP A 232 6.02 1.59 -30.99
N SER A 233 6.40 2.73 -31.55
CA SER A 233 5.84 4.00 -31.10
C SER A 233 5.83 5.02 -32.22
N SER A 234 4.91 5.98 -32.10
CA SER A 234 4.74 7.05 -33.08
C SER A 234 3.93 8.17 -32.42
N TYR A 235 3.28 9.00 -33.22
CA TYR A 235 2.39 10.04 -32.69
C TYR A 235 1.01 9.94 -33.35
N VAL A 236 -0.03 10.31 -32.61
CA VAL A 236 -1.38 10.38 -33.14
C VAL A 236 -1.39 11.29 -34.38
N CYS A 237 -1.96 10.81 -35.48
CA CYS A 237 -1.97 11.53 -36.75
C CYS A 237 -2.75 12.84 -36.72
N SER A 238 -3.85 12.85 -35.98
CA SER A 238 -4.79 13.97 -35.96
C SER A 238 -4.12 15.34 -35.85
N GLY A 239 -4.51 16.25 -36.75
CA GLY A 239 -4.08 17.64 -36.69
C GLY A 239 -4.75 18.39 -35.56
N LEU A 240 -5.84 17.82 -35.04
CA LEU A 240 -6.46 18.30 -33.81
C LEU A 240 -5.78 17.54 -32.68
N VAL A 241 -4.82 18.21 -32.04
CA VAL A 241 -3.94 17.53 -31.08
C VAL A 241 -4.54 17.50 -29.68
N GLY A 242 -4.13 16.51 -28.88
CA GLY A 242 -4.78 16.20 -27.62
C GLY A 242 -4.15 16.75 -26.36
N ASP A 243 -2.92 17.25 -26.44
CA ASP A 243 -2.21 17.71 -25.25
C ASP A 243 -2.61 19.14 -24.84
N THR A 244 -2.27 19.51 -23.62
CA THR A 244 -2.40 20.88 -23.13
C THR A 244 -1.10 21.21 -22.39
N PRO A 245 -0.38 22.25 -22.83
CA PRO A 245 -0.74 23.24 -23.85
C PRO A 245 -0.61 22.74 -25.28
N ARG A 246 -1.15 23.53 -26.21
CA ARG A 246 -1.12 23.24 -27.65
C ARG A 246 -1.43 24.54 -28.41
N ASN A 247 -1.18 24.53 -29.73
CA ASN A 247 -1.60 25.62 -30.60
C ASN A 247 -3.11 25.56 -30.81
N ASP A 248 -3.70 26.65 -31.28
CA ASP A 248 -5.11 26.62 -31.68
C ASP A 248 -5.30 25.70 -32.89
N ASP A 249 -6.54 25.34 -33.18
CA ASP A 249 -6.84 24.36 -34.21
C ASP A 249 -6.35 24.74 -35.61
N SER A 250 -6.28 26.04 -35.89
CA SER A 250 -5.84 26.53 -37.20
C SER A 250 -4.33 26.44 -37.42
N SER A 251 -3.57 26.26 -36.33
CA SER A 251 -2.10 26.25 -36.42
C SER A 251 -1.43 25.06 -35.75
N SER A 252 -2.24 24.07 -35.35
CA SER A 252 -1.72 22.83 -34.78
C SER A 252 -1.42 21.84 -35.89
N ASN A 253 -0.39 21.01 -35.67
CA ASN A 253 0.02 20.02 -36.66
C ASN A 253 0.48 18.72 -36.02
N SER A 254 0.35 17.64 -36.77
CA SER A 254 0.99 16.36 -36.46
C SER A 254 1.28 15.62 -37.74
N ASN A 255 2.48 15.01 -37.82
CA ASN A 255 2.86 14.20 -38.98
C ASN A 255 2.87 12.69 -38.73
N CYS A 256 2.31 12.27 -37.59
CA CYS A 256 2.24 10.86 -37.15
C CYS A 256 3.56 10.26 -36.66
N ARG A 257 4.67 10.95 -36.89
CA ARG A 257 5.99 10.35 -36.62
C ARG A 257 6.82 11.06 -35.56
N ASN A 258 6.79 12.40 -35.58
CA ASN A 258 7.66 13.21 -34.74
C ASN A 258 6.85 14.10 -33.81
N PRO A 259 7.46 14.53 -32.68
CA PRO A 259 6.82 15.57 -31.89
C PRO A 259 6.72 16.85 -32.73
N ASN A 260 5.62 17.58 -32.59
CA ASN A 260 5.34 18.69 -33.49
C ASN A 260 6.07 20.00 -33.17
N ASN A 261 6.75 20.04 -32.02
CA ASN A 261 7.44 21.25 -31.55
C ASN A 261 6.54 22.49 -31.50
N GLU A 262 5.28 22.28 -31.14
CA GLU A 262 4.32 23.36 -30.99
C GLU A 262 3.85 23.39 -29.54
N ARG A 263 4.30 24.39 -28.79
CA ARG A 263 4.04 24.47 -27.34
C ARG A 263 4.22 23.09 -26.71
N GLY A 264 5.34 22.45 -27.04
CA GLY A 264 5.54 21.03 -26.74
C GLY A 264 5.81 20.72 -25.29
N THR A 265 6.54 21.60 -24.61
CA THR A 265 6.92 21.37 -23.22
C THR A 265 5.70 21.35 -22.30
N GLN A 266 5.81 20.55 -21.25
CA GLN A 266 4.69 20.26 -20.34
C GLN A 266 3.57 19.52 -21.05
N GLY A 267 2.43 19.38 -20.38
CA GLY A 267 1.35 18.57 -20.93
C GLY A 267 0.36 18.14 -19.87
N VAL A 268 -0.49 17.20 -20.24
CA VAL A 268 -1.50 16.66 -19.33
C VAL A 268 -1.79 15.23 -19.77
N LYS A 269 -2.05 14.35 -18.81
CA LYS A 269 -2.46 12.99 -19.14
C LYS A 269 -3.78 13.00 -19.89
N GLY A 270 -3.84 12.25 -20.98
CA GLY A 270 -5.06 12.15 -21.77
C GLY A 270 -5.14 10.84 -22.51
N TRP A 271 -6.09 10.75 -23.44
CA TRP A 271 -6.40 9.49 -24.10
C TRP A 271 -6.92 9.70 -25.52
N ALA A 272 -6.85 8.63 -26.31
CA ALA A 272 -7.52 8.54 -27.61
C ALA A 272 -7.62 7.06 -27.93
N PHE A 273 -8.50 6.71 -28.86
CA PHE A 273 -8.48 5.37 -29.42
C PHE A 273 -8.87 5.37 -30.89
N ASP A 274 -8.36 4.39 -31.61
CA ASP A 274 -8.62 4.28 -33.04
C ASP A 274 -9.90 3.50 -33.31
N ASN A 275 -10.58 3.85 -34.40
CA ASN A 275 -11.61 3.01 -34.99
C ASN A 275 -11.43 3.07 -36.50
N GLY A 276 -10.78 2.06 -37.04
CA GLY A 276 -10.37 2.06 -38.44
C GLY A 276 -9.45 3.24 -38.70
N ASN A 277 -9.80 4.08 -39.67
CA ASN A 277 -9.02 5.25 -40.00
C ASN A 277 -9.29 6.43 -39.08
N ASP A 278 -10.36 6.33 -38.30
CA ASP A 278 -10.83 7.43 -37.48
C ASP A 278 -10.28 7.37 -36.05
N LEU A 279 -10.44 8.49 -35.34
CA LEU A 279 -9.93 8.60 -33.97
C LEU A 279 -10.99 9.22 -33.06
N TRP A 280 -11.26 8.54 -31.95
CA TRP A 280 -12.01 9.16 -30.86
C TRP A 280 -11.01 9.71 -29.86
N MET A 281 -11.21 10.94 -29.42
CA MET A 281 -10.29 11.56 -28.47
C MET A 281 -10.97 12.56 -27.55
N GLY A 282 -10.38 12.75 -26.38
CA GLY A 282 -10.77 13.82 -25.47
C GLY A 282 -9.64 14.83 -25.33
N ARG A 283 -9.98 16.03 -24.87
CA ARG A 283 -8.98 17.04 -24.53
C ARG A 283 -9.62 18.15 -23.72
N THR A 284 -8.79 18.95 -23.06
CA THR A 284 -9.28 20.17 -22.42
C THR A 284 -9.82 21.11 -23.50
N ILE A 285 -10.80 21.94 -23.14
CA ILE A 285 -11.33 22.89 -24.10
C ILE A 285 -10.32 24.02 -24.29
N SER A 286 -9.77 24.53 -23.19
CA SER A 286 -8.71 25.53 -23.25
C SER A 286 -7.43 24.94 -23.85
N LYS A 287 -6.77 25.71 -24.71
CA LYS A 287 -5.52 25.26 -25.33
C LYS A 287 -4.31 25.47 -24.43
N GLU A 288 -4.48 26.28 -23.38
CA GLU A 288 -3.36 26.65 -22.51
C GLU A 288 -3.50 26.12 -21.09
N SER A 289 -4.75 26.00 -20.62
CA SER A 289 -5.00 25.60 -19.24
C SER A 289 -5.86 24.35 -19.13
N ARG A 290 -5.85 23.74 -17.94
CA ARG A 290 -6.64 22.54 -17.68
C ARG A 290 -8.08 22.91 -17.32
N SER A 291 -8.76 23.48 -18.31
CA SER A 291 -10.11 24.00 -18.17
C SER A 291 -10.97 23.38 -19.26
N GLY A 292 -12.17 22.94 -18.87
CA GLY A 292 -13.09 22.34 -19.82
C GLY A 292 -12.66 20.95 -20.25
N TYR A 293 -13.58 20.22 -20.85
CA TYR A 293 -13.27 18.94 -21.45
C TYR A 293 -14.25 18.63 -22.55
N GLU A 294 -13.72 18.19 -23.68
CA GLU A 294 -14.53 17.89 -24.86
C GLU A 294 -14.06 16.57 -25.46
N THR A 295 -14.98 15.86 -26.09
CA THR A 295 -14.64 14.67 -26.87
C THR A 295 -15.18 14.84 -28.27
N PHE A 296 -14.53 14.19 -29.23
CA PHE A 296 -15.02 14.18 -30.61
C PHE A 296 -14.35 13.06 -31.40
N LYS A 297 -14.92 12.77 -32.56
CA LYS A 297 -14.30 11.84 -33.50
C LYS A 297 -13.61 12.65 -34.58
N VAL A 298 -12.36 12.30 -34.89
CA VAL A 298 -11.64 12.92 -35.99
C VAL A 298 -11.67 11.98 -37.19
N ILE A 299 -12.25 12.46 -38.28
CA ILE A 299 -12.32 11.69 -39.52
C ILE A 299 -10.91 11.56 -40.09
N GLY A 300 -10.44 10.32 -40.24
CA GLY A 300 -9.07 10.05 -40.66
C GLY A 300 -8.03 10.39 -39.61
N GLY A 301 -8.49 10.60 -38.37
CA GLY A 301 -7.62 10.98 -37.27
C GLY A 301 -6.56 9.97 -36.87
N TRP A 302 -6.78 8.71 -37.24
CA TRP A 302 -5.78 7.68 -36.97
C TRP A 302 -4.80 7.51 -38.13
N SER A 303 -5.31 7.59 -39.36
CA SER A 303 -4.54 7.19 -40.55
C SER A 303 -3.99 8.35 -41.38
N THR A 304 -4.67 9.49 -41.34
CA THR A 304 -4.31 10.63 -42.17
C THR A 304 -3.59 11.70 -41.36
N PRO A 305 -2.32 11.98 -41.71
CA PRO A 305 -1.56 13.01 -41.03
C PRO A 305 -2.25 14.36 -41.15
N ASN A 306 -2.32 15.07 -40.03
CA ASN A 306 -2.86 16.43 -39.98
C ASN A 306 -4.35 16.56 -40.26
N SER A 307 -5.08 15.46 -40.14
CA SER A 307 -6.53 15.45 -40.34
C SER A 307 -7.22 16.33 -39.29
N LYS A 308 -8.14 17.18 -39.74
CA LYS A 308 -8.76 18.16 -38.86
C LYS A 308 -10.30 18.23 -38.94
N SER A 309 -10.90 17.32 -39.71
CA SER A 309 -12.36 17.27 -39.78
C SER A 309 -12.90 16.48 -38.60
N GLN A 310 -13.66 17.15 -37.74
CA GLN A 310 -14.26 16.47 -36.59
C GLN A 310 -15.77 16.35 -36.70
N VAL A 311 -16.31 15.39 -35.97
CA VAL A 311 -17.75 15.15 -35.90
C VAL A 311 -18.07 14.58 -34.51
N ASN A 312 -19.34 14.63 -34.12
CA ASN A 312 -19.81 14.04 -32.87
C ASN A 312 -19.17 14.63 -31.62
N ARG A 313 -18.94 15.95 -31.64
CA ARG A 313 -18.41 16.61 -30.45
C ARG A 313 -19.40 16.53 -29.29
N GLN A 314 -18.85 16.34 -28.10
CA GLN A 314 -19.62 16.47 -26.86
C GLN A 314 -18.82 17.26 -25.85
N VAL A 315 -19.48 18.23 -25.23
CA VAL A 315 -18.90 18.90 -24.06
C VAL A 315 -19.12 17.99 -22.85
N ILE A 316 -18.03 17.67 -22.16
CA ILE A 316 -18.13 16.91 -20.91
C ILE A 316 -18.10 17.89 -19.73
N VAL A 317 -17.18 18.85 -19.80
CA VAL A 317 -17.06 19.90 -18.79
C VAL A 317 -16.93 21.23 -19.53
N ASP A 318 -17.83 22.18 -19.26
CA ASP A 318 -17.73 23.46 -19.97
C ASP A 318 -16.44 24.22 -19.61
N ASN A 319 -16.08 25.21 -20.42
CA ASN A 319 -14.80 25.89 -20.28
C ASN A 319 -14.74 26.92 -19.14
N ASN A 320 -15.82 27.04 -18.38
CA ASN A 320 -15.81 27.88 -17.18
C ASN A 320 -15.47 27.07 -15.93
N ASN A 321 -15.11 25.81 -16.14
CA ASN A 321 -14.82 24.88 -15.04
C ASN A 321 -13.52 24.11 -15.24
N TRP A 322 -12.89 23.76 -14.13
CA TRP A 322 -11.58 23.12 -14.15
C TRP A 322 -11.69 21.64 -14.47
N SER A 323 -10.74 21.15 -15.27
CA SER A 323 -10.64 19.72 -15.52
C SER A 323 -9.32 19.23 -14.95
N GLY A 324 -8.56 18.46 -15.71
CA GLY A 324 -7.34 17.84 -15.20
C GLY A 324 -6.99 16.63 -16.05
N TYR A 325 -6.38 15.62 -15.42
CA TYR A 325 -6.06 14.37 -16.09
C TYR A 325 -7.31 13.69 -16.65
N SER A 326 -7.11 12.91 -17.70
CA SER A 326 -8.17 12.04 -18.20
C SER A 326 -7.52 10.76 -18.69
N GLY A 327 -8.27 9.67 -18.69
CA GLY A 327 -7.74 8.40 -19.14
C GLY A 327 -8.81 7.44 -19.58
N ILE A 328 -8.37 6.40 -20.28
CA ILE A 328 -9.28 5.43 -20.83
C ILE A 328 -9.39 4.22 -19.90
N PHE A 329 -10.55 3.58 -19.92
CA PHE A 329 -10.65 2.20 -19.44
C PHE A 329 -11.56 1.41 -20.36
N SER A 330 -11.40 0.10 -20.35
CA SER A 330 -12.15 -0.76 -21.27
C SER A 330 -13.04 -1.72 -20.50
N VAL A 331 -14.24 -1.94 -21.03
CA VAL A 331 -15.24 -2.76 -20.37
C VAL A 331 -15.78 -3.79 -21.35
N GLU A 332 -15.68 -5.07 -20.99
CA GLU A 332 -16.16 -6.14 -21.84
C GLU A 332 -17.69 -6.26 -21.79
N GLY A 333 -18.31 -6.22 -22.97
CA GLY A 333 -19.74 -6.45 -23.11
C GLY A 333 -20.01 -7.83 -23.66
N LYS A 334 -21.27 -8.10 -23.98
CA LYS A 334 -21.70 -9.41 -24.48
C LYS A 334 -20.96 -9.82 -25.77
N SER A 335 -20.81 -8.88 -26.69
CA SER A 335 -20.22 -9.18 -28.00
C SER A 335 -19.12 -8.22 -28.43
N CYS A 336 -18.88 -7.16 -27.66
CA CYS A 336 -17.84 -6.21 -27.99
C CYS A 336 -17.14 -5.64 -26.76
N ILE A 337 -15.97 -5.03 -26.97
CA ILE A 337 -15.25 -4.33 -25.90
C ILE A 337 -15.55 -2.85 -26.01
N ASN A 338 -16.08 -2.27 -24.94
CA ASN A 338 -16.41 -0.85 -24.95
C ASN A 338 -15.26 -0.01 -24.42
N ARG A 339 -15.19 1.25 -24.86
CA ARG A 339 -14.22 2.18 -24.32
C ARG A 339 -14.94 3.23 -23.51
N CYS A 340 -14.39 3.52 -22.33
CA CYS A 340 -14.92 4.53 -21.42
C CYS A 340 -13.78 5.46 -21.04
N PHE A 341 -14.12 6.59 -20.42
CA PHE A 341 -13.07 7.48 -19.92
C PHE A 341 -13.52 8.19 -18.66
N TYR A 342 -12.55 8.64 -17.89
CA TYR A 342 -12.80 9.46 -16.70
C TYR A 342 -12.13 10.81 -16.92
N VAL A 343 -12.61 11.82 -16.23
CA VAL A 343 -11.97 13.13 -16.24
C VAL A 343 -11.79 13.52 -14.78
N GLU A 344 -10.56 13.88 -14.45
CA GLU A 344 -10.20 14.43 -13.14
C GLU A 344 -10.59 15.90 -13.11
N LEU A 345 -11.28 16.32 -12.06
CA LEU A 345 -11.75 17.70 -11.94
C LEU A 345 -11.01 18.33 -10.76
N ILE A 346 -9.91 19.00 -11.06
CA ILE A 346 -9.00 19.52 -10.03
C ILE A 346 -9.53 20.82 -9.42
N ARG A 347 -9.60 20.85 -8.10
CA ARG A 347 -9.95 22.07 -7.37
C ARG A 347 -8.83 22.47 -6.42
N GLY A 348 -8.76 23.77 -6.13
CA GLY A 348 -7.75 24.29 -5.22
C GLY A 348 -6.56 24.83 -6.01
N ARG A 349 -5.36 24.69 -5.42
CA ARG A 349 -4.15 25.24 -6.04
C ARG A 349 -3.73 24.44 -7.27
N PRO A 350 -3.07 25.10 -8.25
CA PRO A 350 -2.66 26.50 -8.23
C PRO A 350 -3.73 27.49 -8.69
N GLN A 351 -4.83 27.01 -9.27
CA GLN A 351 -5.81 27.89 -9.89
C GLN A 351 -6.67 28.67 -8.91
N GLU A 352 -6.94 28.08 -7.75
CA GLU A 352 -7.83 28.67 -6.75
C GLU A 352 -7.09 28.82 -5.42
N THR A 353 -6.66 30.04 -5.13
CA THR A 353 -5.71 30.27 -4.03
C THR A 353 -6.35 30.64 -2.68
N ARG A 354 -7.68 30.64 -2.62
CA ARG A 354 -8.38 30.82 -1.33
C ARG A 354 -8.03 29.70 -0.36
N VAL A 355 -7.80 28.50 -0.90
CA VAL A 355 -7.43 27.34 -0.10
C VAL A 355 -5.95 26.99 -0.31
N TRP A 356 -5.39 26.22 0.61
CA TRP A 356 -4.00 25.78 0.51
C TRP A 356 -3.86 24.43 -0.18
N TRP A 357 -4.95 23.66 -0.17
CA TRP A 357 -4.93 22.31 -0.69
C TRP A 357 -5.22 22.24 -2.19
N THR A 358 -4.97 21.06 -2.74
CA THR A 358 -5.34 20.71 -4.10
C THR A 358 -5.99 19.35 -3.97
N SER A 359 -7.16 19.19 -4.58
CA SER A 359 -7.81 17.88 -4.61
C SER A 359 -8.60 17.73 -5.91
N ASN A 360 -9.36 16.66 -6.04
CA ASN A 360 -10.16 16.45 -7.24
C ASN A 360 -11.41 15.64 -6.99
N SER A 361 -12.37 15.80 -7.89
CA SER A 361 -13.45 14.84 -8.00
C SER A 361 -13.34 14.23 -9.40
N ILE A 362 -14.26 13.35 -9.75
CA ILE A 362 -14.24 12.73 -11.07
C ILE A 362 -15.61 12.73 -11.72
N VAL A 363 -15.59 12.63 -13.05
CA VAL A 363 -16.79 12.34 -13.82
C VAL A 363 -16.38 11.28 -14.84
N VAL A 364 -17.31 10.37 -15.15
CA VAL A 364 -16.98 9.19 -15.94
C VAL A 364 -18.04 8.99 -17.00
N PHE A 365 -17.60 8.70 -18.23
CA PHE A 365 -18.48 8.50 -19.37
C PHE A 365 -18.12 7.20 -20.06
N CYS A 366 -19.10 6.55 -20.68
CA CYS A 366 -18.86 5.31 -21.41
C CYS A 366 -19.36 5.35 -22.84
N GLY A 367 -18.64 4.69 -23.73
CA GLY A 367 -19.05 4.57 -25.13
C GLY A 367 -20.48 4.08 -25.24
N THR A 368 -21.19 4.63 -26.22
CA THR A 368 -22.55 4.17 -26.50
C THR A 368 -22.75 4.02 -28.00
N SER A 369 -23.57 3.05 -28.38
CA SER A 369 -23.99 2.90 -29.78
C SER A 369 -25.38 3.51 -29.97
N GLY A 370 -25.94 4.06 -28.89
CA GLY A 370 -27.25 4.69 -28.92
C GLY A 370 -27.16 6.19 -29.18
N THR A 371 -28.13 6.93 -28.65
CA THR A 371 -28.17 8.38 -28.85
C THR A 371 -28.06 9.07 -27.50
N TYR A 372 -27.90 10.39 -27.54
CA TYR A 372 -27.60 11.17 -26.34
C TYR A 372 -27.81 12.65 -26.62
N GLY A 373 -27.80 13.46 -25.56
CA GLY A 373 -28.01 14.90 -25.70
C GLY A 373 -26.77 15.70 -25.36
N THR A 374 -26.95 16.73 -24.54
CA THR A 374 -25.86 17.62 -24.17
C THR A 374 -25.93 17.93 -22.69
N GLY A 375 -24.82 18.43 -22.15
CA GLY A 375 -24.77 18.94 -20.79
C GLY A 375 -23.36 19.32 -20.41
N SER A 376 -23.16 19.52 -19.12
CA SER A 376 -21.85 19.81 -18.57
C SER A 376 -21.86 19.30 -17.15
N TRP A 377 -20.82 18.56 -16.78
CA TRP A 377 -20.79 17.90 -15.47
C TRP A 377 -19.48 18.24 -14.75
N PRO A 378 -19.37 19.49 -14.24
CA PRO A 378 -18.15 19.93 -13.59
C PRO A 378 -18.12 19.47 -12.13
N ASP A 379 -17.03 19.80 -11.43
CA ASP A 379 -16.90 19.43 -10.02
C ASP A 379 -18.08 19.93 -9.17
N GLY A 380 -18.40 21.22 -9.32
CA GLY A 380 -19.59 21.78 -8.71
C GLY A 380 -19.44 22.38 -7.32
N ALA A 381 -18.25 22.27 -6.73
CA ALA A 381 -18.06 22.84 -5.41
C ALA A 381 -17.92 24.35 -5.50
N ASN A 382 -18.40 25.04 -4.47
CA ASN A 382 -18.22 26.47 -4.34
C ASN A 382 -16.97 26.68 -3.49
N ILE A 383 -15.91 27.21 -4.10
CA ILE A 383 -14.62 27.36 -3.41
C ILE A 383 -14.74 28.18 -2.13
N ASN A 384 -15.72 29.07 -2.07
CA ASN A 384 -15.94 29.90 -0.90
C ASN A 384 -16.57 29.16 0.27
N PHE A 385 -17.12 27.97 0.00
CA PHE A 385 -17.72 27.12 1.04
C PHE A 385 -16.72 26.15 1.65
N MET A 386 -15.51 26.09 1.09
CA MET A 386 -14.55 25.06 1.46
C MET A 386 -13.71 25.43 2.69
N PRO A 387 -13.35 24.42 3.50
CA PRO A 387 -12.27 24.59 4.48
C PRO A 387 -11.00 24.99 3.73
N ILE A 388 -10.24 25.91 4.30
CA ILE A 388 -9.04 26.42 3.61
C ILE A 388 -7.81 25.50 3.76
N VAL B 1 -12.24 -25.73 2.23
CA VAL B 1 -10.96 -25.11 2.71
C VAL B 1 -10.07 -26.09 3.46
N GLU B 2 -8.77 -26.02 3.20
CA GLU B 2 -7.79 -26.94 3.77
C GLU B 2 -6.96 -26.22 4.84
N TYR B 3 -6.45 -26.95 5.82
CA TYR B 3 -5.55 -26.37 6.81
C TYR B 3 -4.24 -25.94 6.17
N ARG B 4 -3.70 -24.82 6.64
CA ARG B 4 -2.37 -24.37 6.23
C ARG B 4 -1.28 -25.26 6.81
N ASN B 5 -0.31 -25.62 5.98
CA ASN B 5 0.86 -26.38 6.44
C ASN B 5 2.15 -25.57 6.38
N TRP B 6 2.14 -24.49 5.59
CA TRP B 6 3.33 -23.66 5.35
C TRP B 6 4.53 -24.49 4.87
N SER B 7 4.24 -25.55 4.12
CA SER B 7 5.27 -26.49 3.69
C SER B 7 5.84 -26.13 2.33
N LYS B 8 6.35 -24.91 2.25
CA LYS B 8 7.07 -24.42 1.09
C LYS B 8 8.37 -23.81 1.61
N PRO B 9 9.42 -23.76 0.75
CA PRO B 9 10.66 -23.14 1.22
C PRO B 9 10.48 -21.65 1.47
N GLN B 10 11.35 -21.07 2.29
CA GLN B 10 11.34 -19.63 2.51
C GLN B 10 11.80 -18.87 1.27
N CYS B 11 11.12 -17.79 0.90
CA CYS B 11 11.52 -16.97 -0.25
CA CYS B 11 11.52 -16.98 -0.25
C CYS B 11 12.92 -16.43 -0.06
N GLN B 12 13.71 -16.43 -1.13
CA GLN B 12 15.08 -15.94 -1.07
C GLN B 12 15.10 -14.45 -1.35
N ILE B 13 15.14 -13.65 -0.28
CA ILE B 13 14.95 -12.20 -0.40
C ILE B 13 16.26 -11.40 -0.46
N THR B 14 16.14 -10.21 -1.04
CA THR B 14 17.27 -9.31 -1.24
C THR B 14 17.09 -8.07 -0.37
N GLY B 15 15.96 -8.01 0.32
CA GLY B 15 15.55 -6.87 1.13
C GLY B 15 14.02 -6.81 1.15
N PHE B 16 13.48 -5.62 1.37
CA PHE B 16 12.05 -5.45 1.58
C PHE B 16 11.50 -4.31 0.72
N ALA B 17 10.26 -4.47 0.28
CA ALA B 17 9.59 -3.46 -0.52
C ALA B 17 8.34 -2.93 0.20
N PRO B 18 8.00 -1.65 -0.03
CA PRO B 18 6.84 -1.07 0.64
C PRO B 18 5.54 -1.82 0.32
N PHE B 19 4.70 -1.98 1.33
CA PHE B 19 3.47 -2.77 1.16
C PHE B 19 2.23 -1.99 1.57
N SER B 20 2.25 -1.36 2.73
CA SER B 20 1.06 -0.67 3.23
C SER B 20 1.41 0.40 4.25
N LYS B 21 0.55 1.40 4.36
CA LYS B 21 0.69 2.47 5.35
C LYS B 21 -0.72 2.95 5.65
N ASP B 22 -1.05 3.20 6.92
CA ASP B 22 -2.44 3.56 7.18
C ASP B 22 -2.72 5.03 7.51
N ASN B 23 -1.69 5.79 7.82
CA ASN B 23 -1.82 7.26 8.01
C ASN B 23 -2.84 7.63 9.11
N SER B 24 -2.95 6.73 10.10
CA SER B 24 -3.96 6.83 11.15
CA SER B 24 -3.95 6.84 11.18
C SER B 24 -3.99 8.17 11.89
N ILE B 25 -2.81 8.66 12.30
CA ILE B 25 -2.75 9.87 13.12
C ILE B 25 -3.05 11.11 12.30
N ARG B 26 -2.51 11.18 11.08
CA ARG B 26 -2.84 12.26 10.15
C ARG B 26 -4.37 12.34 9.94
N LEU B 27 -5.01 11.18 9.75
CA LEU B 27 -6.44 11.12 9.54
C LEU B 27 -7.25 11.49 10.79
N SER B 28 -6.68 11.18 11.96
CA SER B 28 -7.32 11.45 13.26
C SER B 28 -7.58 12.93 13.49
N ALA B 29 -6.82 13.78 12.78
CA ALA B 29 -6.96 15.24 12.86
C ALA B 29 -8.13 15.77 12.02
N GLY B 30 -8.78 14.89 11.27
CA GLY B 30 -9.89 15.28 10.42
C GLY B 30 -10.80 14.10 10.16
N GLY B 31 -11.23 13.47 11.25
CA GLY B 31 -12.08 12.29 11.18
C GLY B 31 -12.04 11.49 12.46
N ASP B 32 -13.04 10.64 12.65
CA ASP B 32 -13.16 9.85 13.87
C ASP B 32 -12.40 8.53 13.72
N ILE B 33 -11.27 8.45 14.41
CA ILE B 33 -10.34 7.33 14.28
C ILE B 33 -9.99 6.81 15.67
N TRP B 34 -9.96 5.49 15.81
CA TRP B 34 -9.64 4.83 17.07
C TRP B 34 -8.25 5.17 17.60
N VAL B 35 -8.18 5.39 18.91
CA VAL B 35 -6.90 5.40 19.63
C VAL B 35 -6.47 3.94 19.81
N THR B 36 -5.22 3.65 19.42
CA THR B 36 -4.70 2.28 19.46
C THR B 36 -3.25 2.21 19.91
N ARG B 37 -2.78 1.00 20.21
CA ARG B 37 -1.36 0.68 20.27
C ARG B 37 -1.26 -0.83 20.07
N GLU B 38 -0.02 -1.34 20.01
CA GLU B 38 0.25 -2.78 19.85
C GLU B 38 -0.43 -3.35 18.60
N PRO B 39 -0.15 -2.77 17.42
CA PRO B 39 -0.76 -3.27 16.21
C PRO B 39 -0.04 -4.51 15.70
N TYR B 40 -0.68 -5.23 14.79
CA TYR B 40 0.01 -6.25 14.03
C TYR B 40 -0.74 -6.57 12.75
N VAL B 41 -0.14 -7.44 11.94
CA VAL B 41 -0.73 -7.81 10.67
C VAL B 41 -0.78 -9.33 10.60
N SER B 42 -1.86 -9.85 10.07
CA SER B 42 -1.97 -11.28 9.81
C SER B 42 -2.88 -11.48 8.62
N CYS B 43 -2.60 -12.50 7.81
CA CYS B 43 -3.38 -12.69 6.59
C CYS B 43 -4.07 -14.05 6.59
N ASP B 44 -5.30 -14.08 6.08
CA ASP B 44 -5.94 -15.35 5.72
C ASP B 44 -5.37 -15.73 4.35
N PRO B 45 -5.74 -16.90 3.81
CA PRO B 45 -5.17 -17.35 2.54
C PRO B 45 -5.32 -16.37 1.36
N GLY B 46 -6.30 -15.48 1.43
CA GLY B 46 -6.56 -14.53 0.35
C GLY B 46 -6.03 -13.13 0.55
N LYS B 47 -6.17 -12.57 1.75
CA LYS B 47 -5.78 -11.18 2.00
C LYS B 47 -5.37 -10.87 3.44
N CYS B 48 -4.71 -9.73 3.61
CA CYS B 48 -4.17 -9.34 4.90
C CYS B 48 -5.07 -8.43 5.69
N TYR B 49 -4.93 -8.53 7.01
CA TYR B 49 -5.69 -7.75 7.95
C TYR B 49 -4.78 -7.05 8.91
N GLN B 50 -5.15 -5.83 9.30
CA GLN B 50 -4.47 -5.15 10.38
C GLN B 50 -5.27 -5.26 11.67
N PHE B 51 -4.54 -5.44 12.77
CA PHE B 51 -5.10 -5.56 14.10
C PHE B 51 -4.44 -4.52 14.97
N ALA B 52 -5.11 -4.12 16.05
CA ALA B 52 -4.51 -3.29 17.10
C ALA B 52 -5.39 -3.34 18.34
N LEU B 53 -4.81 -2.97 19.47
CA LEU B 53 -5.59 -2.89 20.70
C LEU B 53 -6.14 -1.47 20.84
N GLY B 54 -7.46 -1.35 20.77
CA GLY B 54 -8.11 -0.05 20.93
C GLY B 54 -8.03 0.38 22.39
N GLN B 55 -8.28 1.68 22.63
CA GLN B 55 -8.35 2.21 23.98
C GLN B 55 -9.78 2.64 24.35
N GLY B 56 -10.74 2.07 23.63
CA GLY B 56 -12.16 2.29 23.92
C GLY B 56 -12.61 3.70 23.58
N THR B 57 -11.89 4.34 22.67
CA THR B 57 -12.15 5.74 22.34
C THR B 57 -11.54 6.12 20.99
N THR B 58 -12.07 7.19 20.40
CA THR B 58 -11.46 7.79 19.23
C THR B 58 -10.47 8.84 19.71
N LEU B 59 -9.66 9.37 18.81
CA LEU B 59 -8.61 10.31 19.21
C LEU B 59 -9.17 11.69 19.51
N ASP B 60 -10.01 12.20 18.62
CA ASP B 60 -10.68 13.49 18.85
C ASP B 60 -11.90 13.25 19.74
N ASN B 61 -11.63 13.10 21.03
CA ASN B 61 -12.59 12.60 22.01
C ASN B 61 -11.92 12.85 23.36
N LYS B 62 -12.66 13.41 24.30
CA LYS B 62 -12.08 13.68 25.62
C LYS B 62 -11.59 12.41 26.33
N HIS B 63 -12.17 11.26 25.99
CA HIS B 63 -11.73 9.98 26.57
C HIS B 63 -10.34 9.53 26.12
N SER B 64 -9.73 10.24 25.16
CA SER B 64 -8.41 9.88 24.66
C SER B 64 -7.30 10.06 25.70
N ASN B 65 -7.58 10.78 26.78
CA ASN B 65 -6.61 10.91 27.86
C ASN B 65 -6.52 9.65 28.75
N ASP B 66 -7.35 8.65 28.46
CA ASP B 66 -7.38 7.37 29.19
C ASP B 66 -6.16 6.49 29.01
N THR B 67 -5.34 6.80 28.01
CA THR B 67 -4.14 6.01 27.67
CA THR B 67 -4.18 5.95 27.71
C THR B 67 -3.07 6.11 28.76
N VAL B 68 -3.25 7.03 29.70
CA VAL B 68 -2.32 7.15 30.84
C VAL B 68 -2.42 5.91 31.75
N HIS B 69 -3.61 5.31 31.80
CA HIS B 69 -3.85 4.10 32.57
C HIS B 69 -3.46 2.86 31.78
N ASP B 70 -2.90 1.87 32.47
CA ASP B 70 -2.52 0.60 31.87
C ASP B 70 -3.68 -0.38 31.87
N ARG B 71 -3.80 -1.14 30.77
CA ARG B 71 -4.67 -2.32 30.70
C ARG B 71 -6.12 -2.07 31.18
N ILE B 72 -6.74 -1.04 30.64
CA ILE B 72 -8.10 -0.72 31.02
C ILE B 72 -9.08 -1.76 30.45
N PRO B 73 -10.22 -1.97 31.14
CA PRO B 73 -11.18 -2.98 30.68
C PRO B 73 -11.84 -2.64 29.34
N HIS B 74 -11.62 -1.42 28.85
CA HIS B 74 -12.27 -0.98 27.62
C HIS B 74 -11.46 -1.28 26.38
N ARG B 75 -10.22 -1.75 26.57
CA ARG B 75 -9.39 -2.13 25.44
C ARG B 75 -10.00 -3.33 24.75
N THR B 76 -10.08 -3.26 23.43
CA THR B 76 -10.63 -4.32 22.59
C THR B 76 -9.75 -4.52 21.37
N LEU B 77 -9.74 -5.75 20.86
CA LEU B 77 -8.99 -6.04 19.64
C LEU B 77 -9.77 -5.57 18.42
N LEU B 78 -9.14 -4.70 17.64
CA LEU B 78 -9.72 -4.19 16.40
C LEU B 78 -9.17 -4.96 15.22
N MET B 79 -10.01 -5.18 14.21
CA MET B 79 -9.60 -5.91 13.03
C MET B 79 -10.22 -5.31 11.77
N ASN B 80 -9.38 -4.93 10.82
CA ASN B 80 -9.80 -4.40 9.52
C ASN B 80 -8.95 -5.00 8.45
N GLU B 81 -9.43 -4.96 7.20
CA GLU B 81 -8.54 -5.26 6.08
C GLU B 81 -7.35 -4.32 6.11
N LEU B 82 -6.17 -4.83 5.76
CA LEU B 82 -4.96 -4.03 5.79
C LEU B 82 -5.11 -2.78 4.92
N GLY B 83 -4.84 -1.62 5.50
CA GLY B 83 -4.95 -0.37 4.76
C GLY B 83 -6.26 0.36 4.98
N VAL B 84 -7.21 -0.30 5.63
CA VAL B 84 -8.44 0.38 6.05
C VAL B 84 -8.16 0.94 7.45
N PRO B 85 -8.14 2.28 7.58
CA PRO B 85 -7.84 2.81 8.91
C PRO B 85 -8.94 2.47 9.91
N PHE B 86 -8.62 2.55 11.19
CA PHE B 86 -9.57 2.17 12.24
C PHE B 86 -10.63 3.24 12.45
N HIS B 87 -11.59 3.27 11.52
CA HIS B 87 -12.75 4.16 11.57
C HIS B 87 -13.84 3.57 12.49
N LEU B 88 -14.97 4.26 12.60
CA LEU B 88 -16.02 3.85 13.55
C LEU B 88 -16.80 2.58 13.17
N GLY B 89 -16.64 2.11 11.94
CA GLY B 89 -17.25 0.87 11.50
C GLY B 89 -16.35 -0.34 11.73
N THR B 90 -15.20 -0.13 12.36
CA THR B 90 -14.26 -1.21 12.69
C THR B 90 -14.87 -2.18 13.68
N ARG B 91 -14.72 -3.48 13.42
CA ARG B 91 -15.20 -4.49 14.36
C ARG B 91 -14.24 -4.69 15.52
N GLN B 92 -14.80 -4.66 16.73
CA GLN B 92 -14.06 -5.04 17.93
C GLN B 92 -14.28 -6.53 18.11
N VAL B 93 -13.21 -7.30 17.91
CA VAL B 93 -13.27 -8.76 17.83
C VAL B 93 -13.42 -9.43 19.20
N CYS B 94 -12.86 -8.81 20.24
CA CYS B 94 -12.91 -9.36 21.59
C CYS B 94 -12.42 -8.30 22.55
N ILE B 95 -12.57 -8.55 23.84
CA ILE B 95 -12.03 -7.67 24.88
C ILE B 95 -10.58 -8.09 25.12
N ALA B 96 -9.65 -7.17 24.96
CA ALA B 96 -8.23 -7.53 25.06
C ALA B 96 -7.34 -6.34 25.37
N TRP B 97 -6.47 -6.49 26.37
CA TRP B 97 -5.33 -5.57 26.54
C TRP B 97 -4.00 -6.24 26.18
N SER B 98 -4.09 -7.48 25.72
CA SER B 98 -2.98 -8.21 25.10
C SER B 98 -3.64 -9.24 24.18
N SER B 99 -3.06 -9.46 23.01
CA SER B 99 -3.67 -10.38 22.04
C SER B 99 -2.71 -11.04 21.07
N SER B 100 -3.22 -12.07 20.40
CA SER B 100 -2.57 -12.69 19.26
C SER B 100 -3.67 -13.25 18.36
N SER B 101 -3.47 -13.24 17.05
CA SER B 101 -4.45 -13.75 16.10
C SER B 101 -3.78 -14.55 14.99
N CYS B 102 -4.47 -15.55 14.47
CA CYS B 102 -3.96 -16.28 13.31
C CYS B 102 -5.06 -17.06 12.63
N HIS B 103 -4.86 -17.33 11.35
CA HIS B 103 -5.80 -18.07 10.54
C HIS B 103 -5.19 -19.44 10.22
N ASP B 104 -5.93 -20.50 10.48
CA ASP B 104 -5.39 -21.85 10.28
C ASP B 104 -5.65 -22.40 8.87
N GLY B 105 -6.18 -21.57 7.98
CA GLY B 105 -6.56 -22.01 6.64
C GLY B 105 -8.08 -22.16 6.51
N LYS B 106 -8.73 -22.41 7.64
CA LYS B 106 -10.19 -22.58 7.68
C LYS B 106 -10.89 -21.42 8.39
N ALA B 107 -10.32 -20.98 9.50
CA ALA B 107 -10.96 -19.96 10.33
C ALA B 107 -9.94 -19.20 11.18
N TRP B 108 -10.37 -18.04 11.70
CA TRP B 108 -9.55 -17.22 12.59
C TRP B 108 -9.58 -17.72 14.02
N LEU B 109 -8.39 -17.74 14.64
CA LEU B 109 -8.24 -17.85 16.07
C LEU B 109 -7.82 -16.49 16.62
N HIS B 110 -8.50 -16.06 17.69
CA HIS B 110 -8.07 -14.88 18.45
C HIS B 110 -7.83 -15.28 19.90
N VAL B 111 -6.68 -14.85 20.42
CA VAL B 111 -6.34 -15.04 21.82
C VAL B 111 -6.41 -13.66 22.46
N CYS B 112 -7.33 -13.50 23.42
CA CYS B 112 -7.64 -12.19 23.96
C CYS B 112 -7.56 -12.19 25.47
N ILE B 113 -6.69 -11.35 26.01
CA ILE B 113 -6.47 -11.33 27.45
C ILE B 113 -6.98 -10.03 28.03
N THR B 114 -7.80 -10.15 29.08
CA THR B 114 -8.35 -8.98 29.76
C THR B 114 -8.56 -9.27 31.26
N GLY B 115 -8.97 -8.24 32.00
CA GLY B 115 -9.25 -8.38 33.42
C GLY B 115 -8.15 -7.86 34.33
N ASP B 116 -8.24 -8.22 35.60
CA ASP B 116 -7.34 -7.73 36.64
C ASP B 116 -5.89 -8.18 36.42
N ASP B 117 -4.95 -7.29 36.73
CA ASP B 117 -3.51 -7.60 36.60
C ASP B 117 -3.12 -8.89 37.29
N LYS B 118 -3.62 -9.09 38.50
CA LYS B 118 -3.25 -10.26 39.31
C LYS B 118 -4.11 -11.49 39.04
N ASN B 119 -5.10 -11.36 38.16
CA ASN B 119 -6.02 -12.46 37.91
C ASN B 119 -6.69 -12.31 36.55
N ALA B 120 -5.90 -12.30 35.49
CA ALA B 120 -6.41 -12.08 34.13
C ALA B 120 -7.03 -13.33 33.51
N THR B 121 -7.79 -13.13 32.45
CA THR B 121 -8.43 -14.22 31.71
C THR B 121 -8.00 -14.14 30.25
N ALA B 122 -7.56 -15.26 29.69
CA ALA B 122 -7.32 -15.37 28.26
C ALA B 122 -8.49 -16.12 27.65
N SER B 123 -9.16 -15.49 26.68
CA SER B 123 -10.27 -16.12 25.95
C SER B 123 -9.75 -16.58 24.59
N PHE B 124 -10.21 -17.75 24.15
CA PHE B 124 -9.79 -18.31 22.88
C PHE B 124 -11.01 -18.41 21.99
N ILE B 125 -11.02 -17.60 20.94
CA ILE B 125 -12.19 -17.47 20.06
C ILE B 125 -11.81 -18.01 18.69
N TYR B 126 -12.55 -19.01 18.24
CA TYR B 126 -12.27 -19.64 16.97
C TYR B 126 -13.55 -19.72 16.14
N ASP B 127 -13.43 -19.31 14.87
CA ASP B 127 -14.56 -19.37 13.94
C ASP B 127 -15.78 -18.65 14.55
N GLY B 128 -15.51 -17.51 15.20
CA GLY B 128 -16.54 -16.64 15.73
C GLY B 128 -17.22 -17.08 17.03
N ARG B 129 -16.66 -18.07 17.71
CA ARG B 129 -17.21 -18.48 19.00
C ARG B 129 -16.14 -18.74 20.05
N LEU B 130 -16.49 -18.51 21.31
CA LEU B 130 -15.58 -18.75 22.41
C LEU B 130 -15.48 -20.25 22.65
N VAL B 131 -14.27 -20.79 22.51
CA VAL B 131 -14.06 -22.24 22.61
C VAL B 131 -13.37 -22.63 23.91
N ASP B 132 -12.50 -21.76 24.42
CA ASP B 132 -11.75 -22.07 25.64
C ASP B 132 -11.35 -20.80 26.37
N SER B 133 -10.87 -20.97 27.59
CA SER B 133 -10.29 -19.87 28.36
C SER B 133 -9.32 -20.43 29.38
N ILE B 134 -8.35 -19.61 29.77
CA ILE B 134 -7.43 -19.98 30.83
C ILE B 134 -7.20 -18.77 31.74
N GLY B 135 -7.08 -19.05 33.04
CA GLY B 135 -6.77 -18.02 34.03
C GLY B 135 -5.27 -17.86 34.24
N SER B 136 -4.91 -16.76 34.89
CA SER B 136 -3.53 -16.44 35.26
C SER B 136 -2.88 -17.58 36.05
N TRP B 137 -1.64 -17.94 35.70
CA TRP B 137 -0.92 -18.98 36.43
C TRP B 137 0.15 -18.45 37.40
N SER B 138 0.53 -17.19 37.26
CA SER B 138 1.51 -16.56 38.14
C SER B 138 0.99 -15.28 38.80
N GLN B 139 -0.28 -14.95 38.54
CA GLN B 139 -0.95 -13.82 39.18
C GLN B 139 -0.22 -12.49 38.97
N ASN B 140 0.34 -12.33 37.76
CA ASN B 140 1.11 -11.14 37.44
C ASN B 140 1.11 -10.82 35.94
N ILE B 141 -0.02 -10.29 35.47
CA ILE B 141 -0.21 -9.84 34.09
C ILE B 141 0.03 -10.93 33.04
N LEU B 142 -0.88 -11.91 33.04
CA LEU B 142 -0.92 -12.88 31.95
C LEU B 142 -0.92 -12.12 30.62
N ARG B 143 -0.05 -12.50 29.70
CA ARG B 143 0.16 -11.69 28.49
C ARG B 143 0.69 -12.52 27.33
N THR B 144 0.49 -12.00 26.11
CA THR B 144 0.87 -12.78 24.92
C THR B 144 1.62 -11.96 23.85
N GLN B 145 1.62 -12.44 22.61
CA GLN B 145 2.58 -12.01 21.60
C GLN B 145 2.46 -10.58 21.08
N GLU B 146 1.23 -10.07 20.97
CA GLU B 146 0.94 -8.82 20.24
C GLU B 146 1.34 -8.90 18.76
N SER B 147 1.36 -10.10 18.22
CA SER B 147 1.52 -10.33 16.78
C SER B 147 0.92 -11.68 16.45
N GLU B 148 1.03 -12.09 15.19
CA GLU B 148 0.29 -13.27 14.76
C GLU B 148 0.82 -14.55 15.38
N CYS B 149 -0.11 -15.43 15.76
CA CYS B 149 0.25 -16.81 16.10
C CYS B 149 0.46 -17.59 14.80
N VAL B 150 0.84 -18.86 14.91
CA VAL B 150 1.16 -19.67 13.73
C VAL B 150 0.49 -21.04 13.83
N CYS B 151 -0.15 -21.48 12.75
CA CYS B 151 -0.83 -22.77 12.73
C CYS B 151 -0.25 -23.66 11.65
N ILE B 152 -0.01 -24.92 12.00
CA ILE B 152 0.40 -25.93 11.03
C ILE B 152 -0.52 -27.13 11.19
N ASN B 153 -1.15 -27.52 10.09
CA ASN B 153 -2.04 -28.68 10.03
C ASN B 153 -3.17 -28.65 11.08
N GLY B 154 -3.67 -27.45 11.37
CA GLY B 154 -4.80 -27.30 12.28
C GLY B 154 -4.44 -27.13 13.75
N THR B 155 -3.14 -27.12 14.05
CA THR B 155 -2.69 -26.83 15.40
C THR B 155 -1.99 -25.49 15.41
N CYS B 156 -2.54 -24.57 16.18
CA CYS B 156 -1.98 -23.23 16.31
C CYS B 156 -1.19 -23.15 17.60
N THR B 157 -0.07 -22.45 17.56
CA THR B 157 0.75 -22.29 18.74
C THR B 157 0.86 -20.81 19.08
N VAL B 158 0.87 -20.53 20.38
CA VAL B 158 0.98 -19.16 20.87
C VAL B 158 1.80 -19.17 22.17
N VAL B 159 2.65 -18.15 22.30
CA VAL B 159 3.54 -18.03 23.45
C VAL B 159 2.94 -17.03 24.43
N MET B 160 2.88 -17.43 25.70
CA MET B 160 2.30 -16.60 26.75
C MET B 160 3.21 -16.57 27.96
N THR B 161 3.18 -15.43 28.67
CA THR B 161 4.00 -15.25 29.85
C THR B 161 3.11 -14.72 30.98
N ASP B 162 3.49 -15.07 32.20
CA ASP B 162 2.83 -14.58 33.41
C ASP B 162 3.95 -14.47 34.45
N GLY B 163 4.00 -13.33 35.14
CA GLY B 163 5.05 -13.09 36.12
C GLY B 163 5.79 -11.80 35.88
N SER B 164 6.96 -11.66 36.51
CA SER B 164 7.70 -10.41 36.49
C SER B 164 8.13 -9.98 35.09
N ALA B 165 8.09 -8.67 34.85
CA ALA B 165 8.63 -8.08 33.63
C ALA B 165 10.09 -7.66 33.79
N SER B 166 10.62 -7.82 35.00
CA SER B 166 11.99 -7.41 35.33
C SER B 166 12.74 -8.47 36.14
N GLY B 167 12.37 -9.72 35.93
CA GLY B 167 12.97 -10.84 36.62
C GLY B 167 12.41 -12.12 36.04
N ARG B 168 12.82 -13.26 36.59
CA ARG B 168 12.35 -14.56 36.11
C ARG B 168 10.82 -14.61 36.10
N ALA B 169 10.27 -15.06 34.98
CA ALA B 169 8.82 -15.20 34.84
C ALA B 169 8.46 -16.62 34.40
N ASP B 170 7.18 -16.87 34.19
CA ASP B 170 6.68 -18.19 33.84
C ASP B 170 6.09 -18.18 32.43
N THR B 171 6.91 -18.61 31.46
CA THR B 171 6.52 -18.61 30.06
C THR B 171 6.05 -20.00 29.63
N ARG B 172 4.92 -20.03 28.93
CA ARG B 172 4.36 -21.29 28.46
C ARG B 172 3.95 -21.19 27.01
N ILE B 173 4.01 -22.33 26.33
CA ILE B 173 3.67 -22.40 24.92
C ILE B 173 2.42 -23.26 24.80
N LEU B 174 1.37 -22.66 24.25
CA LEU B 174 0.08 -23.32 24.14
C LEU B 174 -0.12 -23.87 22.73
N PHE B 175 -0.75 -25.03 22.65
CA PHE B 175 -1.08 -25.65 21.39
C PHE B 175 -2.60 -25.75 21.33
N ILE B 176 -3.17 -25.18 20.28
CA ILE B 176 -4.61 -24.95 20.19
C ILE B 176 -5.17 -25.53 18.90
N GLU B 177 -6.22 -26.35 19.04
CA GLU B 177 -6.85 -26.95 17.87
C GLU B 177 -8.31 -26.53 17.83
N GLU B 178 -8.68 -25.80 16.77
CA GLU B 178 -10.02 -25.23 16.63
C GLU B 178 -10.49 -24.49 17.88
N GLY B 179 -9.57 -23.75 18.49
CA GLY B 179 -9.89 -22.94 19.68
C GLY B 179 -9.72 -23.62 21.02
N LYS B 180 -9.50 -24.94 21.00
CA LYS B 180 -9.37 -25.73 22.22
C LYS B 180 -7.90 -25.96 22.57
N ILE B 181 -7.51 -25.62 23.79
CA ILE B 181 -6.15 -25.90 24.25
C ILE B 181 -5.98 -27.42 24.39
N VAL B 182 -5.03 -27.98 23.65
CA VAL B 182 -4.79 -29.43 23.69
C VAL B 182 -3.50 -29.80 24.42
N HIS B 183 -2.60 -28.85 24.56
CA HIS B 183 -1.33 -29.07 25.26
C HIS B 183 -0.71 -27.74 25.67
N ILE B 184 -0.03 -27.76 26.80
CA ILE B 184 0.75 -26.61 27.26
C ILE B 184 2.15 -27.10 27.62
N SER B 185 3.16 -26.50 27.00
CA SER B 185 4.55 -26.83 27.28
C SER B 185 5.24 -25.66 27.96
N PRO B 186 5.95 -25.92 29.08
CA PRO B 186 6.74 -24.87 29.70
C PRO B 186 7.93 -24.48 28.82
N LEU B 187 8.36 -23.22 28.90
CA LEU B 187 9.59 -22.81 28.23
C LEU B 187 10.75 -23.69 28.70
N SER B 188 11.58 -24.11 27.75
CA SER B 188 12.81 -24.84 28.06
C SER B 188 13.95 -24.24 27.23
N GLY B 189 15.19 -24.53 27.63
CA GLY B 189 16.37 -24.01 26.92
C GLY B 189 17.04 -22.91 27.70
N SER B 190 17.81 -22.07 27.01
CA SER B 190 18.65 -21.09 27.68
C SER B 190 18.13 -19.64 27.68
N ALA B 191 17.00 -19.39 27.02
CA ALA B 191 16.40 -18.05 27.09
C ALA B 191 15.90 -17.82 28.51
N GLN B 192 16.27 -16.68 29.09
CA GLN B 192 15.99 -16.41 30.50
C GLN B 192 14.80 -15.49 30.76
N HIS B 193 14.36 -14.81 29.71
CA HIS B 193 13.18 -13.96 29.80
C HIS B 193 12.55 -13.80 28.42
N ILE B 194 11.23 -14.01 28.36
CA ILE B 194 10.49 -14.04 27.11
C ILE B 194 9.27 -13.15 27.16
N GLU B 195 9.23 -12.17 26.27
CA GLU B 195 8.10 -11.29 26.11
C GLU B 195 7.79 -11.13 24.63
N GLU B 196 6.51 -10.99 24.30
CA GLU B 196 6.06 -10.48 23.00
C GLU B 196 6.74 -11.14 21.81
N CYS B 197 6.62 -12.46 21.73
CA CYS B 197 7.29 -13.19 20.66
C CYS B 197 6.75 -12.88 19.28
N SER B 198 7.67 -12.72 18.33
CA SER B 198 7.34 -12.59 16.92
C SER B 198 7.65 -13.93 16.26
N CYS B 199 6.60 -14.68 15.96
CA CYS B 199 6.75 -16.06 15.51
C CYS B 199 6.47 -16.23 14.04
N TYR B 200 7.09 -17.24 13.43
CA TYR B 200 6.86 -17.54 12.03
C TYR B 200 6.97 -19.04 11.76
N PRO B 201 6.21 -19.52 10.77
CA PRO B 201 6.32 -20.93 10.39
C PRO B 201 7.68 -21.22 9.77
N ARG B 202 8.31 -22.29 10.24
CA ARG B 202 9.54 -22.79 9.65
C ARG B 202 9.37 -24.29 9.60
N TYR B 203 8.58 -24.73 8.63
CA TYR B 203 8.14 -26.12 8.53
C TYR B 203 9.30 -27.08 8.79
N PRO B 204 9.07 -28.11 9.63
CA PRO B 204 7.82 -28.52 10.28
C PRO B 204 7.51 -27.84 11.61
N GLY B 205 8.32 -26.86 12.00
CA GLY B 205 8.15 -26.23 13.30
C GLY B 205 7.83 -24.74 13.22
N VAL B 206 7.89 -24.10 14.39
CA VAL B 206 7.66 -22.66 14.49
C VAL B 206 8.86 -22.04 15.22
N ARG B 207 9.32 -20.90 14.73
CA ARG B 207 10.43 -20.19 15.34
C ARG B 207 9.94 -18.81 15.76
N CYS B 208 10.34 -18.39 16.96
CA CYS B 208 9.95 -17.07 17.49
C CYS B 208 11.18 -16.28 17.89
N ILE B 209 11.17 -14.99 17.59
CA ILE B 209 12.20 -14.07 18.07
C ILE B 209 11.48 -13.10 18.99
N CYS B 210 11.98 -12.97 20.21
CA CYS B 210 11.21 -12.33 21.26
C CYS B 210 11.96 -11.14 21.91
N ARG B 211 11.45 -10.72 23.07
CA ARG B 211 11.98 -9.59 23.81
C ARG B 211 12.37 -10.05 25.21
N ASP B 212 13.65 -9.93 25.54
CA ASP B 212 14.12 -10.17 26.90
C ASP B 212 14.07 -8.82 27.61
N ASN B 213 13.20 -8.72 28.61
CA ASN B 213 12.97 -7.45 29.32
C ASN B 213 13.78 -7.34 30.60
N TRP B 214 14.65 -8.32 30.83
CA TRP B 214 15.32 -8.48 32.12
C TRP B 214 16.84 -8.27 32.02
N LYS B 215 17.54 -9.17 31.34
CA LYS B 215 19.01 -9.09 31.29
C LYS B 215 19.62 -9.00 29.89
N GLY B 216 18.80 -9.10 28.84
CA GLY B 216 19.34 -9.13 27.48
C GLY B 216 18.90 -8.00 26.56
N SER B 217 19.86 -7.45 25.82
CA SER B 217 19.55 -6.59 24.68
C SER B 217 19.72 -7.39 23.39
N ASN B 218 20.27 -8.59 23.50
CA ASN B 218 20.14 -9.58 22.44
C ASN B 218 18.76 -10.22 22.54
N ARG B 219 18.16 -10.57 21.40
CA ARG B 219 16.80 -11.10 21.39
C ARG B 219 16.80 -12.61 21.58
N PRO B 220 15.94 -13.11 22.48
CA PRO B 220 15.83 -14.55 22.62
C PRO B 220 15.13 -15.20 21.43
N VAL B 221 15.41 -16.49 21.24
CA VAL B 221 14.82 -17.31 20.19
C VAL B 221 14.09 -18.45 20.89
N VAL B 222 12.87 -18.73 20.46
CA VAL B 222 12.14 -19.89 20.95
C VAL B 222 11.81 -20.77 19.75
N ASP B 223 12.17 -22.05 19.86
CA ASP B 223 11.88 -23.02 18.82
C ASP B 223 10.84 -24.00 19.31
N ILE B 224 9.77 -24.12 18.54
CA ILE B 224 8.61 -24.92 18.92
C ILE B 224 8.47 -26.12 17.98
N ASN B 225 8.55 -27.31 18.56
CA ASN B 225 8.35 -28.54 17.81
C ASN B 225 6.87 -28.88 17.80
N MET B 226 6.26 -28.83 16.63
CA MET B 226 4.82 -29.05 16.51
C MET B 226 4.43 -30.53 16.57
N GLU B 227 5.37 -31.42 16.30
CA GLU B 227 5.13 -32.87 16.37
C GLU B 227 5.00 -33.41 17.80
N ASP B 228 5.95 -33.06 18.67
CA ASP B 228 5.98 -33.61 20.03
C ASP B 228 5.87 -32.56 21.15
N TYR B 229 5.62 -31.32 20.75
CA TYR B 229 5.39 -30.20 21.69
C TYR B 229 6.63 -29.76 22.48
N SER B 230 7.80 -30.26 22.11
CA SER B 230 9.04 -29.89 22.80
C SER B 230 9.47 -28.47 22.46
N ILE B 231 10.13 -27.83 23.42
CA ILE B 231 10.55 -26.44 23.31
C ILE B 231 12.07 -26.36 23.48
N ASP B 232 12.69 -25.50 22.68
CA ASP B 232 14.08 -25.13 22.89
C ASP B 232 14.15 -23.62 22.80
N SER B 233 15.19 -23.03 23.38
CA SER B 233 15.37 -21.59 23.33
C SER B 233 16.83 -21.22 23.47
N SER B 234 17.18 -20.03 22.95
CA SER B 234 18.54 -19.51 22.97
C SER B 234 18.43 -18.02 22.69
N TYR B 235 19.52 -17.41 22.22
CA TYR B 235 19.53 -16.01 21.81
C TYR B 235 20.06 -15.87 20.38
N VAL B 236 19.59 -14.85 19.68
CA VAL B 236 20.09 -14.54 18.34
C VAL B 236 21.61 -14.34 18.40
N CYS B 237 22.34 -15.00 17.51
CA CYS B 237 23.81 -14.96 17.51
C CYS B 237 24.39 -13.59 17.24
N SER B 238 23.73 -12.84 16.35
CA SER B 238 24.23 -11.56 15.85
C SER B 238 24.77 -10.62 16.95
N GLY B 239 25.99 -10.13 16.74
CA GLY B 239 26.58 -9.12 17.62
C GLY B 239 25.94 -7.75 17.42
N LEU B 240 25.25 -7.58 16.31
CA LEU B 240 24.39 -6.43 16.08
C LEU B 240 23.03 -6.79 16.67
N VAL B 241 22.77 -6.33 17.89
CA VAL B 241 21.62 -6.81 18.64
C VAL B 241 20.34 -6.06 18.28
N GLY B 242 19.19 -6.68 18.54
CA GLY B 242 17.91 -6.17 18.06
C GLY B 242 17.04 -5.38 19.03
N ASP B 243 17.39 -5.39 20.31
CA ASP B 243 16.54 -4.78 21.32
C ASP B 243 16.83 -3.28 21.44
N THR B 244 15.94 -2.58 22.12
CA THR B 244 16.13 -1.19 22.52
C THR B 244 15.59 -1.09 23.95
N PRO B 245 16.44 -0.68 24.92
CA PRO B 245 17.81 -0.19 24.76
C PRO B 245 18.86 -1.25 24.43
N ARG B 246 20.04 -0.80 24.02
CA ARG B 246 21.16 -1.68 23.70
C ARG B 246 22.44 -0.85 23.69
N ASN B 247 23.57 -1.53 23.71
CA ASN B 247 24.87 -0.87 23.54
C ASN B 247 25.09 -0.45 22.11
N ASP B 248 26.06 0.46 21.91
CA ASP B 248 26.59 0.80 20.60
C ASP B 248 27.08 -0.47 19.90
N ASP B 249 27.02 -0.48 18.56
CA ASP B 249 27.48 -1.62 17.75
C ASP B 249 28.92 -2.05 18.07
N SER B 250 29.76 -1.10 18.45
CA SER B 250 31.15 -1.42 18.76
C SER B 250 31.34 -2.15 20.09
N SER B 251 30.33 -2.07 20.97
CA SER B 251 30.43 -2.68 22.30
C SER B 251 29.28 -3.63 22.63
N SER B 252 28.46 -3.96 21.64
CA SER B 252 27.38 -4.92 21.83
C SER B 252 27.89 -6.33 21.60
N ASN B 253 27.27 -7.30 22.29
CA ASN B 253 27.70 -8.69 22.20
C ASN B 253 26.52 -9.65 22.29
N SER B 254 26.68 -10.81 21.65
CA SER B 254 25.80 -11.96 21.89
C SER B 254 26.62 -13.24 21.72
N ASN B 255 26.40 -14.21 22.60
CA ASN B 255 27.08 -15.51 22.50
C ASN B 255 26.15 -16.64 22.04
N CYS B 256 24.94 -16.26 21.60
CA CYS B 256 23.88 -17.19 21.15
C CYS B 256 23.19 -17.96 22.27
N ARG B 257 23.70 -17.88 23.49
CA ARG B 257 23.21 -18.76 24.57
C ARG B 257 22.61 -18.02 25.76
N ASN B 258 23.24 -16.91 26.17
CA ASN B 258 22.85 -16.21 27.39
C ASN B 258 22.45 -14.77 27.09
N PRO B 259 21.61 -14.16 27.96
CA PRO B 259 21.39 -12.71 27.86
C PRO B 259 22.73 -12.01 28.02
N ASN B 260 22.95 -10.94 27.26
CA ASN B 260 24.27 -10.31 27.23
C ASN B 260 24.60 -9.40 28.42
N ASN B 261 23.58 -9.09 29.22
CA ASN B 261 23.73 -8.16 30.36
C ASN B 261 24.25 -6.79 29.93
N GLU B 262 23.83 -6.35 28.75
CA GLU B 262 24.20 -5.04 28.22
C GLU B 262 22.94 -4.22 28.02
N ARG B 263 22.73 -3.25 28.92
CA ARG B 263 21.48 -2.47 28.95
C ARG B 263 20.28 -3.39 28.77
N GLY B 264 20.31 -4.52 29.47
CA GLY B 264 19.36 -5.59 29.26
C GLY B 264 17.95 -5.30 29.70
N THR B 265 17.80 -4.56 30.80
CA THR B 265 16.47 -4.28 31.33
C THR B 265 15.64 -3.43 30.36
N GLN B 266 14.34 -3.68 30.37
CA GLN B 266 13.39 -3.08 29.42
C GLN B 266 13.63 -3.62 28.01
N GLY B 267 12.96 -3.05 27.03
CA GLY B 267 13.04 -3.56 25.68
C GLY B 267 11.93 -3.05 24.80
N VAL B 268 11.80 -3.65 23.63
CA VAL B 268 10.75 -3.32 22.69
C VAL B 268 10.48 -4.60 21.88
N LYS B 269 9.22 -4.83 21.51
CA LYS B 269 8.91 -5.95 20.65
C LYS B 269 9.58 -5.75 19.29
N GLY B 270 10.19 -6.82 18.78
CA GLY B 270 10.83 -6.80 17.47
C GLY B 270 10.86 -8.18 16.82
N TRP B 271 11.64 -8.32 15.74
CA TRP B 271 11.64 -9.55 14.96
C TRP B 271 12.99 -9.77 14.29
N ALA B 272 13.20 -11.02 13.87
CA ALA B 272 14.30 -11.38 13.00
C ALA B 272 13.93 -12.71 12.39
N PHE B 273 14.59 -13.10 11.31
CA PHE B 273 14.44 -14.45 10.79
C PHE B 273 15.73 -14.96 10.15
N ASP B 274 15.91 -16.27 10.19
CA ASP B 274 17.11 -16.92 9.66
C ASP B 274 16.97 -17.21 8.17
N ASN B 275 18.09 -17.14 7.47
CA ASN B 275 18.21 -17.76 6.16
C ASN B 275 19.58 -18.42 6.09
N GLY B 276 19.60 -19.72 6.31
CA GLY B 276 20.86 -20.45 6.45
C GLY B 276 21.65 -19.90 7.63
N ASN B 277 22.88 -19.50 7.36
CA ASN B 277 23.73 -18.96 8.42
C ASN B 277 23.47 -17.49 8.68
N ASP B 278 22.71 -16.86 7.80
CA ASP B 278 22.50 -15.42 7.84
C ASP B 278 21.21 -15.03 8.58
N LEU B 279 21.12 -13.76 8.95
CA LEU B 279 19.97 -13.27 9.70
C LEU B 279 19.44 -12.00 9.05
N TRP B 280 18.13 -11.95 8.82
CA TRP B 280 17.46 -10.70 8.49
C TRP B 280 16.83 -10.18 9.78
N MET B 281 16.99 -8.89 10.04
CA MET B 281 16.45 -8.31 11.26
C MET B 281 16.11 -6.84 11.09
N GLY B 282 15.21 -6.38 11.94
CA GLY B 282 14.92 -4.95 12.07
C GLY B 282 15.25 -4.50 13.48
N ARG B 283 15.38 -3.20 13.66
CA ARG B 283 15.54 -2.60 14.98
C ARG B 283 15.34 -1.10 14.86
N THR B 284 15.12 -0.43 15.99
CA THR B 284 15.11 1.04 15.99
C THR B 284 16.49 1.55 15.61
N ILE B 285 16.55 2.75 15.03
CA ILE B 285 17.85 3.33 14.69
C ILE B 285 18.54 3.83 15.97
N SER B 286 17.79 4.48 16.84
CA SER B 286 18.31 4.90 18.14
C SER B 286 18.60 3.69 19.03
N LYS B 287 19.69 3.77 19.77
CA LYS B 287 20.10 2.70 20.68
C LYS B 287 19.32 2.72 21.99
N GLU B 288 18.75 3.87 22.34
CA GLU B 288 18.08 4.00 23.63
C GLU B 288 16.62 4.44 23.57
N SER B 289 16.20 4.95 22.43
CA SER B 289 14.83 5.45 22.26
C SER B 289 14.13 4.73 21.12
N ARG B 290 12.80 4.71 21.16
CA ARG B 290 12.00 4.11 20.08
C ARG B 290 11.87 5.12 18.94
N SER B 291 13.00 5.37 18.29
CA SER B 291 13.13 6.37 17.25
C SER B 291 13.80 5.70 16.05
N GLY B 292 13.23 5.92 14.87
CA GLY B 292 13.75 5.38 13.63
C GLY B 292 13.53 3.88 13.51
N TYR B 293 13.71 3.37 12.30
CA TYR B 293 13.66 1.93 12.08
C TYR B 293 14.52 1.55 10.87
N GLU B 294 15.30 0.49 11.03
CA GLU B 294 16.20 0.01 9.99
C GLU B 294 16.12 -1.51 9.90
N THR B 295 16.33 -2.04 8.70
CA THR B 295 16.48 -3.48 8.50
C THR B 295 17.81 -3.74 7.83
N PHE B 296 18.34 -4.93 8.04
CA PHE B 296 19.56 -5.36 7.35
C PHE B 296 19.74 -6.85 7.48
N LYS B 297 20.65 -7.39 6.67
CA LYS B 297 21.06 -8.77 6.80
C LYS B 297 22.41 -8.80 7.51
N VAL B 298 22.55 -9.71 8.46
CA VAL B 298 23.83 -9.94 9.13
C VAL B 298 24.41 -11.23 8.57
N ILE B 299 25.57 -11.11 7.94
CA ILE B 299 26.30 -12.28 7.42
C ILE B 299 26.73 -13.13 8.61
N GLY B 300 26.29 -14.38 8.63
CA GLY B 300 26.55 -15.28 9.75
C GLY B 300 25.78 -14.92 11.01
N GLY B 301 24.78 -14.05 10.87
CA GLY B 301 23.99 -13.58 12.01
C GLY B 301 23.18 -14.64 12.72
N TRP B 302 22.91 -15.75 12.04
CA TRP B 302 22.20 -16.84 12.67
C TRP B 302 23.12 -17.87 13.33
N SER B 303 24.26 -18.15 12.69
CA SER B 303 25.13 -19.26 13.08
C SER B 303 26.43 -18.87 13.79
N THR B 304 26.90 -17.65 13.54
CA THR B 304 28.18 -17.20 14.10
C THR B 304 27.98 -16.25 15.27
N PRO B 305 28.43 -16.64 16.48
CA PRO B 305 28.32 -15.80 17.66
C PRO B 305 29.01 -14.47 17.44
N ASN B 306 28.31 -13.40 17.79
CA ASN B 306 28.86 -12.05 17.78
C ASN B 306 29.20 -11.47 16.40
N SER B 307 28.64 -12.08 15.35
CA SER B 307 28.83 -11.62 13.97
C SER B 307 28.31 -10.19 13.79
N LYS B 308 29.12 -9.34 13.16
CA LYS B 308 28.76 -7.93 13.01
C LYS B 308 28.85 -7.37 11.59
N SER B 309 29.08 -8.25 10.62
CA SER B 309 29.11 -7.83 9.22
C SER B 309 27.69 -7.72 8.69
N GLN B 310 27.25 -6.49 8.42
CA GLN B 310 25.93 -6.31 7.82
C GLN B 310 26.01 -5.95 6.34
N VAL B 311 24.89 -6.15 5.66
CA VAL B 311 24.73 -5.79 4.25
C VAL B 311 23.23 -5.56 3.99
N ASN B 312 22.91 -4.90 2.89
CA ASN B 312 21.53 -4.69 2.45
C ASN B 312 20.69 -3.90 3.45
N ARG B 313 21.30 -2.90 4.08
CA ARG B 313 20.58 -2.04 5.01
C ARG B 313 19.52 -1.23 4.27
N GLN B 314 18.37 -1.08 4.92
CA GLN B 314 17.32 -0.16 4.45
C GLN B 314 16.80 0.63 5.64
N VAL B 315 16.68 1.95 5.43
CA VAL B 315 15.98 2.79 6.37
C VAL B 315 14.48 2.64 6.09
N ILE B 316 13.69 2.35 7.12
CA ILE B 316 12.24 2.27 6.98
C ILE B 316 11.63 3.57 7.52
N VAL B 317 12.14 4.00 8.67
CA VAL B 317 11.73 5.26 9.29
C VAL B 317 13.01 5.97 9.70
N ASP B 318 13.22 7.20 9.23
CA ASP B 318 14.45 7.89 9.62
C ASP B 318 14.45 8.25 11.12
N ASN B 319 15.64 8.52 11.65
CA ASN B 319 15.82 8.68 13.09
C ASN B 319 15.31 10.02 13.64
N ASN B 320 14.70 10.84 12.79
CA ASN B 320 14.01 12.04 13.24
C ASN B 320 12.53 11.79 13.51
N ASN B 321 12.12 10.53 13.43
CA ASN B 321 10.73 10.15 13.58
C ASN B 321 10.56 8.96 14.53
N TRP B 322 9.43 8.90 15.21
CA TRP B 322 9.16 7.87 16.20
C TRP B 322 8.76 6.54 15.59
N SER B 323 9.26 5.47 16.18
CA SER B 323 8.81 4.13 15.78
C SER B 323 8.07 3.49 16.96
N GLY B 324 8.40 2.24 17.29
CA GLY B 324 7.64 1.50 18.29
C GLY B 324 7.85 0.03 18.10
N TYR B 325 6.82 -0.76 18.43
CA TYR B 325 6.86 -2.20 18.24
C TYR B 325 7.02 -2.54 16.76
N SER B 326 7.57 -3.72 16.50
CA SER B 326 7.60 -4.26 15.15
C SER B 326 7.44 -5.76 15.29
N GLY B 327 6.96 -6.39 14.23
CA GLY B 327 6.73 -7.83 14.28
C GLY B 327 6.68 -8.42 12.89
N ILE B 328 6.81 -9.73 12.83
CA ILE B 328 6.85 -10.45 11.57
C ILE B 328 5.46 -10.99 11.25
N PHE B 329 5.18 -11.12 9.96
CA PHE B 329 4.10 -12.00 9.51
C PHE B 329 4.54 -12.70 8.26
N SER B 330 3.92 -13.84 7.97
CA SER B 330 4.33 -14.67 6.85
C SER B 330 3.19 -14.80 5.84
N VAL B 331 3.55 -14.77 4.57
CA VAL B 331 2.57 -14.77 3.48
C VAL B 331 2.93 -15.85 2.46
N GLU B 332 2.00 -16.77 2.21
CA GLU B 332 2.26 -17.87 1.29
C GLU B 332 2.14 -17.43 -0.17
N GLY B 333 3.22 -17.60 -0.92
CA GLY B 333 3.24 -17.34 -2.34
C GLY B 333 3.06 -18.62 -3.13
N LYS B 334 3.22 -18.52 -4.45
CA LYS B 334 3.01 -19.65 -5.35
C LYS B 334 3.96 -20.82 -5.03
N SER B 335 5.23 -20.51 -4.79
CA SER B 335 6.24 -21.54 -4.58
C SER B 335 7.07 -21.38 -3.28
N CYS B 336 6.90 -20.25 -2.59
CA CYS B 336 7.66 -19.97 -1.36
CA CYS B 336 7.64 -20.01 -1.35
C CYS B 336 6.84 -19.23 -0.32
N ILE B 337 7.32 -19.24 0.92
CA ILE B 337 6.71 -18.48 2.02
C ILE B 337 7.52 -17.22 2.19
N ASN B 338 6.86 -16.07 2.06
CA ASN B 338 7.52 -14.78 2.21
C ASN B 338 7.43 -14.27 3.64
N ARG B 339 8.42 -13.49 4.05
CA ARG B 339 8.39 -12.84 5.35
C ARG B 339 8.16 -11.35 5.14
N CYS B 340 7.24 -10.81 5.94
CA CYS B 340 6.93 -9.39 5.94
C CYS B 340 7.03 -8.87 7.35
N PHE B 341 7.02 -7.55 7.51
CA PHE B 341 6.98 -6.97 8.85
C PHE B 341 6.21 -5.66 8.89
N TYR B 342 5.74 -5.30 10.07
CA TYR B 342 5.08 -4.02 10.28
C TYR B 342 5.89 -3.25 11.33
N VAL B 343 5.78 -1.93 11.28
CA VAL B 343 6.35 -1.08 12.32
C VAL B 343 5.25 -0.19 12.89
N GLU B 344 5.11 -0.23 14.20
CA GLU B 344 4.22 0.66 14.95
C GLU B 344 4.89 2.03 15.04
N LEU B 345 4.17 3.08 14.66
CA LEU B 345 4.69 4.45 14.72
C LEU B 345 3.93 5.19 15.81
N ILE B 346 4.52 5.25 17.00
CA ILE B 346 3.86 5.81 18.19
C ILE B 346 3.93 7.32 18.21
N ARG B 347 2.78 7.95 18.35
CA ARG B 347 2.70 9.41 18.51
C ARG B 347 2.06 9.76 19.84
N GLY B 348 2.38 10.95 20.34
CA GLY B 348 1.82 11.41 21.60
C GLY B 348 2.74 11.08 22.77
N ARG B 349 2.14 10.80 23.91
CA ARG B 349 2.93 10.58 25.14
C ARG B 349 3.64 9.22 25.12
N PRO B 350 4.78 9.09 25.81
CA PRO B 350 5.44 10.11 26.62
C PRO B 350 6.32 11.11 25.86
N GLN B 351 6.63 10.83 24.59
CA GLN B 351 7.60 11.64 23.86
C GLN B 351 7.08 13.03 23.47
N GLU B 352 5.79 13.13 23.19
CA GLU B 352 5.19 14.37 22.67
C GLU B 352 4.08 14.84 23.60
N THR B 353 4.41 15.81 24.45
CA THR B 353 3.54 16.15 25.57
C THR B 353 2.52 17.26 25.30
N ARG B 354 2.50 17.79 24.08
CA ARG B 354 1.44 18.75 23.71
C ARG B 354 0.05 18.11 23.85
N VAL B 355 -0.03 16.82 23.53
CA VAL B 355 -1.28 16.06 23.64
C VAL B 355 -1.26 15.16 24.88
N TRP B 356 -2.43 14.74 25.33
CA TRP B 356 -2.54 13.86 26.50
C TRP B 356 -2.62 12.39 26.12
N TRP B 357 -2.91 12.12 24.85
CA TRP B 357 -3.10 10.75 24.38
C TRP B 357 -1.81 10.13 23.85
N THR B 358 -1.85 8.81 23.69
CA THR B 358 -0.84 8.03 22.98
C THR B 358 -1.60 7.20 21.96
N SER B 359 -1.13 7.20 20.72
CA SER B 359 -1.72 6.35 19.69
C SER B 359 -0.65 5.97 18.68
N ASN B 360 -1.04 5.30 17.60
CA ASN B 360 -0.06 4.92 16.59
C ASN B 360 -0.66 4.82 15.20
N SER B 361 0.20 4.88 14.20
CA SER B 361 -0.14 4.41 12.87
C SER B 361 0.81 3.26 12.55
N ILE B 362 0.70 2.70 11.35
CA ILE B 362 1.58 1.60 10.95
C ILE B 362 2.15 1.81 9.56
N VAL B 363 3.32 1.21 9.33
CA VAL B 363 3.85 1.04 7.99
C VAL B 363 4.24 -0.44 7.85
N VAL B 364 4.11 -0.99 6.64
CA VAL B 364 4.27 -2.42 6.42
C VAL B 364 5.13 -2.64 5.19
N PHE B 365 6.12 -3.53 5.32
CA PHE B 365 7.02 -3.90 4.23
C PHE B 365 7.01 -5.42 4.06
N CYS B 366 7.24 -5.87 2.83
CA CYS B 366 7.31 -7.30 2.54
C CYS B 366 8.60 -7.69 1.86
N GLY B 367 9.06 -8.90 2.13
CA GLY B 367 10.26 -9.42 1.47
C GLY B 367 10.13 -9.39 -0.03
N THR B 368 11.24 -9.14 -0.70
CA THR B 368 11.28 -9.13 -2.16
C THR B 368 12.53 -9.84 -2.66
N SER B 369 12.39 -10.52 -3.79
CA SER B 369 13.55 -11.09 -4.48
C SER B 369 14.02 -10.14 -5.58
N GLY B 370 13.31 -9.01 -5.72
CA GLY B 370 13.62 -8.02 -6.76
C GLY B 370 14.58 -6.95 -6.27
N THR B 371 14.44 -5.74 -6.83
CA THR B 371 15.27 -4.62 -6.42
C THR B 371 14.41 -3.49 -5.86
N TYR B 372 15.06 -2.48 -5.31
CA TYR B 372 14.37 -1.42 -4.59
C TYR B 372 15.32 -0.26 -4.41
N GLY B 373 14.78 0.87 -3.96
CA GLY B 373 15.58 2.06 -3.70
C GLY B 373 15.63 2.41 -2.24
N THR B 374 15.43 3.69 -1.95
CA THR B 374 15.49 4.20 -0.58
C THR B 374 14.31 5.11 -0.29
N GLY B 375 14.07 5.36 1.00
CA GLY B 375 13.04 6.28 1.42
C GLY B 375 12.93 6.32 2.93
N SER B 376 11.87 6.96 3.40
CA SER B 376 11.53 6.97 4.81
C SER B 376 10.03 7.19 4.90
N TRP B 377 9.36 6.36 5.68
CA TRP B 377 7.91 6.36 5.73
C TRP B 377 7.42 6.50 7.18
N PRO B 378 7.58 7.70 7.76
CA PRO B 378 7.21 7.92 9.14
C PRO B 378 5.71 8.15 9.30
N ASP B 379 5.24 8.35 10.53
CA ASP B 379 3.82 8.59 10.76
C ASP B 379 3.32 9.80 9.97
N GLY B 380 4.07 10.91 10.04
CA GLY B 380 3.79 12.08 9.23
C GLY B 380 2.80 13.10 9.78
N ALA B 381 2.24 12.85 10.96
CA ALA B 381 1.33 13.84 11.55
C ALA B 381 2.13 15.00 12.14
N ASN B 382 1.57 16.20 12.04
CA ASN B 382 2.12 17.36 12.71
C ASN B 382 1.46 17.43 14.07
N ILE B 383 2.24 17.24 15.13
CA ILE B 383 1.72 17.21 16.49
C ILE B 383 0.93 18.49 16.85
N ASN B 384 1.29 19.60 16.21
CA ASN B 384 0.63 20.88 16.47
C ASN B 384 -0.75 21.02 15.85
N PHE B 385 -1.07 20.12 14.93
CA PHE B 385 -2.36 20.09 14.26
C PHE B 385 -3.35 19.17 14.96
N MET B 386 -2.88 18.44 15.97
CA MET B 386 -3.71 17.42 16.63
C MET B 386 -4.58 17.98 17.74
N PRO B 387 -5.79 17.39 17.90
CA PRO B 387 -6.57 17.62 19.12
C PRO B 387 -5.77 17.13 20.32
N ILE B 388 -5.82 17.86 21.43
CA ILE B 388 -4.98 17.51 22.60
C ILE B 388 -5.58 16.40 23.47
#